data_9NE0
#
_entry.id   9NE0
#
_cell.length_a   1.00
_cell.length_b   1.00
_cell.length_c   1.00
_cell.angle_alpha   90.00
_cell.angle_beta   90.00
_cell.angle_gamma   90.00
#
_symmetry.space_group_name_H-M   'P 1'
#
loop_
_entity.id
_entity.type
_entity.pdbx_description
1 polymer 'DNA primase'
2 polymer 'DNA replication helicase'
3 non-polymer Pritelivir
#
loop_
_entity_poly.entity_id
_entity_poly.type
_entity_poly.pdbx_seq_one_letter_code
_entity_poly.pdbx_strand_id
1 'polypeptide(L)'
;PVEVTALYATDGCVITSSIALLTNSLLGAEPVYIFSYDAYTHTGRADGPTEQDRFEESRALYQASGGLNGDSFRVTFCLL
GTEVGGTHQARGRTRPMFVCRFERADDVAALQDALAHGTPLQPDHIAATLDAEATFALHANMILALTVAINNASPRTGRD
AAAAQYDQGASLRSLVGRTSLGQRGLTTLYVHHEVRVLAAYRRAYYGSAQSPFWFLSKFGPDEKSLVLTTRYYLLQAQRL
GGATATYDLQAIKDICATYAIPHAPRPDTVSAASLTSFAAITRFCCTSQYARGAAAAGFPLYVERRIAADVRETSALEKF
ITHDRSCLRVSDREFITYIYLAHFECFSPPRLATHLRAVTTHDPNPAASTEQPSPLGREAVEQFFCHVRAQLNIGEYVKH
NVTPRETVLDGDTAKAYLRARTYAPGALTPAPAYCGAVDSATKMMGRLADAEKLLVPRGWPAFAPASPGEDTAGGTPPPQ
TCGIVKRLLRLAATEQQGPTPPAIAALIRNAAVQTPLPVYRISMVPTGQAFAALAWDDWARITRDARLAEAVVSAEAAAH
PDHGALGRRLTDRIRAQGPVMPPGGLDAGGQMYVNRNEIFNGALAITNIILDLDIALKEPVPFRRLHEALGHFRRGALAA
VQLLFPAARVDPDAYPCYFFKSACRPGPASVGSGSGLGNDDDGDWFPCYDDAGDEEWAEDPGAMDTSHDPPDDEVAYFDL
CHEVGPTAEPRETDSPVCSCTDKIGLRVCMPVPAPYVVHGSLTMRGVARVIQQAVLLDRDFVEAIGSYVKNFLLIDTGVY
AHGHSLRLPYFAKIAPDGPACGRLLPVFVIPPACKDVPAFVAAHADPRRFHFHAPPTYLASPREIRVLHSLGGDYVSFFE
RKASRNALEHFGRRETLTEVLGRYNVQPDAGGTVEGFASELLGRIVACIETHFPEHAGEYQAVSVRRAVSKDDWVLLQLV
PVRGTLQQSLSCLRFKHGRASRATARTFVALSVGANNRLCVSLCQQCFAAKCDSNRLHTLFTID
;
A
2 'polypeptide(L)'
;FLNFTSMHGVQPILKRIRELSQQQLDGAQVPHLQWFRDVAALESPAGLPLREFPFAVYLITGNAGSGKSTCVQTINEVLD
CVVTGATRIAAQNMYAKLSGAFLSRPINTIFHEFGFRGNHVQAQLGQYPYTLTSNPASLEDLQRRDLTYYWEVILDLTKR
ALAASGGEELRNEFRALAALERTLGLAEGALTRLAPATHGALPAFTRSNVIVIDEAGLLGRHLLTAVVYCWWMINALYHT
PQYAARLRPVLVCVGSPTQTASLESTFEHQKLRCSVRQSENVLTYLICNRTLREYARLSYSWAIFINNKRCVEHEFGNLM
KVLEYGLPITEEHMQFVDRFVVPENYITNPANLPGWTRLFSSHKEVSAYMAKLHAYLKVTREGEFVVFTLPVLTFVSVKE
FDEYRRLTHQPGLTIEKWLTANASRITNYSQSQDQDAGHMRCEVHSKQQLVVARNDVTYVLNSQIAVTARLRKLVFGFSG
TFRAFEAVLRDDSFVKTQGETSVEFAYRFLSRLIFSGLISFYNFLQRPGLDATQRTLAYARMGELTAEILSLRPKSSGVP
TQASVMADAGAPGERAFDFKQLGPRDGGPDDFPDDDLDVIFAGLDEQQLDVFYCHYTPGEPETTAAVHTQFALLKRAFLG
RFRILQELFGEAFEVAPFSTYVDNVIFRGCEMLTGSPRGGLMSVALQTDNYTLMGYTYARVFAFADELRRRHATANVAEL
LEEAPLPYVVLRDQHGFMSVVNTNISEFVESIDSTELAMAINADYGISSKLAMTITRSQGLSLDKVAICFTPGNLRLNSA
YVAMSRTTSSEFLRMNLNPLRERHERDDVISEHILSALRDPNVVIVY
;
B
#
loop_
_chem_comp.id
_chem_comp.type
_chem_comp.name
_chem_comp.formula
A1BXB non-polymer Pritelivir 'C18 H18 N4 O3 S2'
#
# COMPACT_ATOMS: atom_id res chain seq x y z
N PRO A 1 -39.67 13.34 -7.92
CA PRO A 1 -38.57 12.49 -8.38
C PRO A 1 -37.43 12.36 -7.38
N VAL A 2 -37.28 11.16 -6.83
CA VAL A 2 -36.24 10.83 -5.86
C VAL A 2 -35.26 9.90 -6.56
N GLU A 3 -34.10 10.43 -6.91
CA GLU A 3 -33.06 9.62 -7.54
C GLU A 3 -32.51 8.61 -6.54
N VAL A 4 -32.07 7.48 -7.09
CA VAL A 4 -31.54 6.37 -6.28
C VAL A 4 -30.43 5.70 -7.06
N THR A 5 -29.34 5.39 -6.37
CA THR A 5 -28.25 4.57 -6.90
C THR A 5 -28.30 3.23 -6.17
N ALA A 6 -28.47 2.14 -6.92
CA ALA A 6 -28.64 0.82 -6.35
C ALA A 6 -27.47 -0.06 -6.76
N LEU A 7 -26.74 -0.58 -5.78
CA LEU A 7 -25.64 -1.50 -6.03
C LEU A 7 -26.16 -2.92 -5.91
N TYR A 8 -26.61 -3.45 -7.04
CA TYR A 8 -27.26 -4.74 -7.02
C TYR A 8 -26.23 -5.85 -7.09
N ALA A 9 -26.74 -7.09 -7.12
CA ALA A 9 -25.92 -8.28 -7.17
C ALA A 9 -26.77 -9.41 -7.71
N THR A 10 -26.11 -10.49 -8.09
CA THR A 10 -26.79 -11.62 -8.72
C THR A 10 -26.08 -12.91 -8.34
N ASP A 11 -26.87 -13.92 -7.97
CA ASP A 11 -26.30 -15.16 -7.50
C ASP A 11 -25.67 -15.97 -8.62
N CYS A 13 -22.01 -15.30 -12.79
CA CYS A 13 -21.54 -13.93 -12.69
C CYS A 13 -22.68 -12.93 -12.88
N VAL A 14 -22.51 -11.73 -12.33
CA VAL A 14 -23.49 -10.66 -12.53
C VAL A 14 -23.36 -10.04 -13.91
N ILE A 15 -22.18 -10.13 -14.54
CA ILE A 15 -21.99 -9.58 -15.87
C ILE A 15 -22.84 -10.32 -16.90
N THR A 16 -22.85 -11.65 -16.84
CA THR A 16 -23.65 -12.42 -17.80
C THR A 16 -25.13 -12.09 -17.65
N SER A 17 -25.62 -12.06 -16.41
CA SER A 17 -27.02 -11.75 -16.19
C SER A 17 -27.35 -10.34 -16.64
N SER A 18 -26.45 -9.39 -16.40
CA SER A 18 -26.71 -8.00 -16.78
C SER A 18 -26.78 -7.85 -18.29
N ILE A 19 -25.83 -8.47 -19.00
CA ILE A 19 -25.86 -8.41 -20.46
C ILE A 19 -27.13 -9.06 -20.99
N ALA A 20 -27.50 -10.21 -20.43
CA ALA A 20 -28.73 -10.88 -20.85
C ALA A 20 -29.94 -10.00 -20.60
N LEU A 21 -29.98 -9.33 -19.44
CA LEU A 21 -31.11 -8.47 -19.13
C LEU A 21 -31.22 -7.33 -20.12
N LEU A 22 -30.08 -6.71 -20.46
CA LEU A 22 -30.11 -5.68 -21.49
C LEU A 22 -30.53 -6.26 -22.84
N THR A 23 -30.25 -7.54 -23.06
CA THR A 23 -30.47 -8.18 -24.34
C THR A 23 -31.93 -8.60 -24.53
N ASN A 24 -32.75 -8.52 -23.49
CA ASN A 24 -34.12 -9.03 -23.51
C ASN A 24 -34.13 -10.51 -23.86
N SER A 25 -33.14 -11.22 -23.34
CA SER A 25 -33.01 -12.66 -23.59
C SER A 25 -33.31 -13.46 -22.34
N ALA A 29 -30.70 -14.03 -17.56
CA ALA A 29 -31.45 -13.18 -16.65
C ALA A 29 -31.77 -13.91 -15.36
N GLU A 30 -31.49 -13.25 -14.23
CA GLU A 30 -31.72 -13.82 -12.91
C GLU A 30 -32.22 -12.72 -11.99
N PRO A 31 -32.91 -13.07 -10.91
CA PRO A 31 -33.28 -12.06 -9.93
C PRO A 31 -32.06 -11.40 -9.32
N VAL A 32 -32.18 -10.10 -9.04
CA VAL A 32 -31.08 -9.31 -8.51
C VAL A 32 -31.43 -8.88 -7.09
N TYR A 33 -30.41 -8.45 -6.37
CA TYR A 33 -30.53 -8.09 -4.96
C TYR A 33 -29.98 -6.69 -4.78
N ILE A 34 -30.82 -5.74 -4.37
CA ILE A 34 -30.29 -4.43 -4.07
C ILE A 34 -29.56 -4.52 -2.73
N PHE A 35 -28.24 -4.71 -2.80
CA PHE A 35 -27.45 -4.86 -1.59
C PHE A 35 -27.41 -3.57 -0.79
N SER A 36 -26.85 -2.53 -1.37
CA SER A 36 -26.87 -1.21 -0.76
C SER A 36 -27.47 -0.23 -1.75
N TYR A 37 -28.17 0.76 -1.22
CA TYR A 37 -28.86 1.71 -2.06
C TYR A 37 -28.69 3.11 -1.49
N ASP A 38 -28.47 4.07 -2.39
CA ASP A 38 -28.48 5.47 -2.05
C ASP A 38 -29.89 6.03 -2.30
N ALA A 39 -30.09 7.27 -1.86
CA ALA A 39 -31.32 7.97 -2.16
C ALA A 39 -31.08 9.46 -1.96
N TYR A 40 -31.30 10.24 -3.00
CA TYR A 40 -31.05 11.67 -2.93
C TYR A 40 -32.00 12.39 -3.87
N THR A 41 -32.44 13.57 -3.44
CA THR A 41 -33.20 14.45 -4.30
C THR A 41 -32.30 15.54 -4.84
N HIS A 42 -32.52 15.91 -6.10
CA HIS A 42 -31.78 17.00 -6.70
C HIS A 42 -32.12 18.32 -6.03
N THR A 43 -31.09 19.11 -5.76
CA THR A 43 -31.21 20.44 -5.16
C THR A 43 -32.15 20.45 -3.97
N PRO A 49 -26.87 24.70 1.54
CA PRO A 49 -27.84 24.32 2.56
C PRO A 49 -27.17 23.98 3.88
N THR A 50 -27.74 24.45 4.98
CA THR A 50 -27.17 24.20 6.29
C THR A 50 -27.19 22.72 6.60
N GLU A 51 -26.16 22.25 7.29
CA GLU A 51 -26.09 20.85 7.69
C GLU A 51 -27.32 20.43 8.49
N GLN A 52 -27.91 21.37 9.22
CA GLN A 52 -29.19 21.09 9.85
C GLN A 52 -30.23 20.77 8.78
N ASP A 53 -30.31 21.61 7.75
CA ASP A 53 -31.25 21.36 6.67
C ASP A 53 -30.89 20.11 5.90
N ARG A 54 -29.59 19.86 5.72
CA ARG A 54 -29.16 18.66 5.01
C ARG A 54 -29.60 17.41 5.75
N PHE A 55 -29.39 17.38 7.07
CA PHE A 55 -29.83 16.25 7.87
C PHE A 55 -31.33 16.09 7.83
N GLU A 56 -32.07 17.20 7.92
CA GLU A 56 -33.53 17.12 7.90
C GLU A 56 -34.03 16.54 6.59
N GLU A 57 -33.49 17.02 5.47
CA GLU A 57 -33.92 16.51 4.17
C GLU A 57 -33.56 15.04 4.01
N SER A 58 -32.33 14.67 4.41
CA SER A 58 -31.91 13.28 4.27
C SER A 58 -32.76 12.37 5.14
N ARG A 59 -33.10 12.81 6.35
CA ARG A 59 -33.99 12.04 7.21
C ARG A 59 -35.36 11.90 6.59
N ALA A 60 -35.97 13.00 6.18
CA ALA A 60 -37.31 12.96 5.64
C ALA A 60 -37.38 12.14 4.36
N LEU A 61 -36.26 12.00 3.64
CA LEU A 61 -36.28 11.16 2.45
C LEU A 61 -36.39 9.69 2.84
N TYR A 62 -35.59 9.25 3.80
CA TYR A 62 -35.83 7.96 4.43
C TYR A 62 -37.02 8.10 5.38
N GLN A 63 -37.34 7.03 6.09
CA GLN A 63 -38.40 7.10 7.09
C GLN A 63 -38.33 5.85 7.95
N ALA A 64 -38.80 5.98 9.18
CA ALA A 64 -38.94 4.81 10.04
C ALA A 64 -39.90 3.80 9.44
N SER A 65 -41.03 4.28 8.89
CA SER A 65 -42.03 3.39 8.34
C SER A 65 -41.85 3.18 6.84
N GLY A 66 -41.97 4.27 6.08
CA GLY A 66 -41.83 4.17 4.65
C GLY A 66 -40.40 3.87 4.23
N GLY A 67 -40.27 3.04 3.21
CA GLY A 67 -38.96 2.71 2.69
C GLY A 67 -38.26 3.93 2.11
N LEU A 68 -39.01 4.72 1.35
CA LEU A 68 -38.51 5.94 0.76
C LEU A 68 -39.69 6.85 0.48
N ASN A 69 -39.62 8.08 0.99
CA ASN A 69 -40.73 9.02 0.84
C ASN A 69 -40.63 9.69 -0.53
N GLY A 70 -41.14 8.98 -1.53
CA GLY A 70 -41.18 9.52 -2.88
C GLY A 70 -42.19 8.76 -3.70
N ASP A 71 -42.81 9.45 -4.65
CA ASP A 71 -43.78 8.83 -5.53
C ASP A 71 -43.16 8.37 -6.85
N SER A 72 -42.15 9.06 -7.33
CA SER A 72 -41.49 8.74 -8.58
C SER A 72 -40.01 8.50 -8.33
N PHE A 73 -39.44 7.52 -9.01
CA PHE A 73 -38.10 7.08 -8.67
C PHE A 73 -37.30 6.85 -9.95
N ARG A 74 -36.02 7.22 -9.91
CA ARG A 74 -35.10 6.91 -11.00
C ARG A 74 -33.92 6.15 -10.42
N VAL A 75 -33.78 4.89 -10.80
CA VAL A 75 -32.87 3.96 -10.15
C VAL A 75 -31.76 3.62 -11.12
N THR A 76 -30.54 4.07 -10.83
CA THR A 76 -29.38 3.65 -11.58
C THR A 76 -28.76 2.44 -10.90
N PHE A 77 -28.87 1.29 -11.53
CA PHE A 77 -28.30 0.05 -11.04
C PHE A 77 -26.85 -0.03 -11.50
N CYS A 78 -25.94 -0.21 -10.55
CA CYS A 78 -24.50 -0.10 -10.74
C CYS A 78 -23.80 -1.33 -10.20
N LEU A 79 -22.50 -1.43 -10.49
CA LEU A 79 -21.66 -2.50 -10.00
C LEU A 79 -20.27 -1.95 -9.70
N LEU A 80 -19.40 -2.81 -9.22
CA LEU A 80 -18.03 -2.42 -8.92
C LEU A 80 -17.22 -2.41 -10.20
N ARG A 91 -10.57 8.03 -8.16
CA ARG A 91 -11.09 7.15 -9.19
C ARG A 91 -12.50 6.71 -8.85
N GLY A 92 -13.00 5.76 -9.60
CA GLY A 92 -14.37 5.31 -9.45
C GLY A 92 -14.45 3.89 -8.96
N ARG A 93 -15.17 3.68 -7.86
CA ARG A 93 -15.28 2.36 -7.26
C ARG A 93 -16.57 1.66 -7.66
N THR A 94 -17.57 2.39 -8.13
CA THR A 94 -18.77 1.80 -8.71
C THR A 94 -19.08 2.48 -10.03
N ARG A 95 -19.65 1.71 -10.95
CA ARG A 95 -19.95 2.24 -12.27
C ARG A 95 -21.35 1.78 -12.68
N PRO A 96 -22.21 2.68 -13.15
CA PRO A 96 -23.58 2.29 -13.45
C PRO A 96 -23.65 1.29 -14.61
N MET A 97 -24.69 0.46 -14.56
CA MET A 97 -25.02 -0.45 -15.65
C MET A 97 -26.32 -0.10 -16.34
N PHE A 98 -27.40 0.12 -15.61
CA PHE A 98 -28.65 0.42 -16.31
C PHE A 98 -29.61 1.20 -15.41
N VAL A 99 -30.36 2.10 -16.03
CA VAL A 99 -31.20 3.04 -15.32
C VAL A 99 -32.65 2.67 -15.58
N CYS A 100 -33.35 2.30 -14.53
CA CYS A 100 -34.78 2.03 -14.59
C CYS A 100 -35.55 3.22 -14.05
N ARG A 101 -36.83 3.26 -14.37
CA ARG A 101 -37.74 4.28 -13.85
C ARG A 101 -38.87 3.58 -13.12
N PHE A 102 -39.44 4.28 -12.14
CA PHE A 102 -40.56 3.74 -11.37
C PHE A 102 -41.56 4.86 -11.15
N GLU A 103 -42.61 4.86 -11.97
CA GLU A 103 -43.78 5.69 -11.79
C GLU A 103 -45.04 4.88 -11.54
N ARG A 104 -45.10 3.64 -12.02
CA ARG A 104 -46.31 2.83 -11.98
C ARG A 104 -46.52 2.30 -10.57
N ASP A 106 -47.40 1.32 -10.41
CA ASP A 106 -47.52 0.61 -9.14
C ASP A 106 -46.46 -0.48 -9.02
N ASP A 107 -45.55 -0.57 -9.99
CA ASP A 107 -44.37 -1.40 -9.84
C ASP A 107 -43.41 -0.76 -8.84
N VAL A 108 -43.64 0.51 -8.51
CA VAL A 108 -42.92 1.16 -7.42
C VAL A 108 -43.04 0.34 -6.14
N ALA A 109 -44.13 -0.40 -5.99
CA ALA A 109 -44.28 -1.25 -4.82
C ALA A 109 -43.16 -2.27 -4.74
N ALA A 110 -42.75 -2.82 -5.88
CA ALA A 110 -41.66 -3.78 -5.87
C ALA A 110 -40.36 -3.11 -5.47
N LEU A 111 -40.14 -1.88 -5.93
CA LEU A 111 -38.97 -1.12 -5.51
C LEU A 111 -38.99 -0.90 -4.00
N GLN A 112 -40.14 -0.53 -3.47
CA GLN A 112 -40.26 -0.30 -2.03
C GLN A 112 -39.97 -1.58 -1.27
N ASP A 113 -40.45 -2.71 -1.77
CA ASP A 113 -40.18 -4.00 -1.16
C ASP A 113 -38.68 -4.29 -1.16
N ALA A 114 -38.02 -4.06 -2.29
CA ALA A 114 -36.60 -4.38 -2.39
C ALA A 114 -35.78 -3.48 -1.48
N LEU A 115 -35.98 -2.18 -1.59
CA LEU A 115 -35.24 -1.23 -0.78
C LEU A 115 -35.56 -1.35 0.70
N ALA A 116 -36.73 -1.88 1.05
CA ALA A 116 -37.17 -1.95 2.43
C ALA A 116 -37.01 -3.33 3.04
N HIS A 117 -37.56 -4.36 2.40
CA HIS A 117 -37.54 -5.70 2.96
C HIS A 117 -36.50 -6.60 2.31
N GLY A 118 -35.81 -6.15 1.28
CA GLY A 118 -34.77 -6.94 0.66
C GLY A 118 -35.24 -8.00 -0.32
N THR A 119 -36.52 -8.00 -0.67
CA THR A 119 -37.02 -8.99 -1.63
C THR A 119 -36.34 -8.76 -2.98
N PRO A 120 -35.90 -9.81 -3.65
CA PRO A 120 -35.26 -9.64 -4.96
C PRO A 120 -36.18 -9.01 -5.98
N LEU A 121 -35.60 -8.19 -6.86
CA LEU A 121 -36.34 -7.68 -8.00
C LEU A 121 -36.26 -8.69 -9.13
N GLN A 122 -37.42 -9.13 -9.60
CA GLN A 122 -37.51 -10.08 -10.67
C GLN A 122 -37.14 -9.42 -11.99
N PRO A 123 -36.67 -10.20 -12.96
CA PRO A 123 -36.32 -9.63 -14.26
C PRO A 123 -37.46 -8.95 -14.97
N ASP A 124 -38.68 -9.47 -14.83
CA ASP A 124 -39.81 -8.90 -15.56
C ASP A 124 -40.06 -7.46 -15.14
N HIS A 125 -39.97 -7.17 -13.84
CA HIS A 125 -40.14 -5.79 -13.38
C HIS A 125 -39.03 -4.92 -13.93
N ILE A 126 -37.81 -5.44 -13.98
CA ILE A 126 -36.69 -4.69 -14.54
C ILE A 126 -36.98 -4.30 -15.98
N ALA A 127 -37.39 -5.28 -16.79
CA ALA A 127 -37.65 -5.02 -18.20
C ALA A 127 -38.81 -4.04 -18.36
N ALA A 128 -39.85 -4.19 -17.56
CA ALA A 128 -40.97 -3.26 -17.60
C ALA A 128 -40.59 -1.87 -17.15
N THR A 129 -39.48 -1.72 -16.43
CA THR A 129 -39.02 -0.41 -15.97
C THR A 129 -37.73 0.06 -16.64
N LEU A 130 -37.13 -0.76 -17.50
CA LEU A 130 -35.84 -0.43 -18.10
C LEU A 130 -35.98 0.76 -19.03
N ASP A 131 -35.44 1.92 -18.64
CA ASP A 131 -35.48 3.11 -19.47
C ASP A 131 -34.41 3.00 -20.54
N ALA A 132 -34.82 2.63 -21.76
CA ALA A 132 -33.86 2.22 -22.78
C ALA A 132 -32.91 3.34 -23.14
N GLU A 133 -33.41 4.56 -23.26
CA GLU A 133 -32.59 5.68 -23.69
C GLU A 133 -31.38 5.86 -22.77
N ALA A 134 -31.63 5.94 -21.46
CA ALA A 134 -30.55 6.20 -20.52
C ALA A 134 -29.61 5.00 -20.40
N THR A 135 -30.16 3.78 -20.37
CA THR A 135 -29.31 2.61 -20.22
C THR A 135 -28.37 2.45 -21.40
N PHE A 136 -28.91 2.56 -22.61
CA PHE A 136 -28.08 2.39 -23.79
C PHE A 136 -27.28 3.62 -24.13
N ALA A 137 -27.58 4.77 -23.49
CA ALA A 137 -26.75 5.95 -23.69
C ALA A 137 -25.35 5.72 -23.14
N LEU A 138 -25.24 5.09 -21.98
CA LEU A 138 -23.95 4.87 -21.35
C LEU A 138 -23.32 3.54 -21.73
N HIS A 139 -23.91 2.83 -22.70
CA HIS A 139 -23.28 1.66 -23.25
C HIS A 139 -22.73 1.87 -24.65
N ALA A 140 -23.24 2.86 -25.39
CA ALA A 140 -22.99 2.95 -26.84
C ALA A 140 -21.50 2.91 -27.16
N ASN A 141 -20.69 3.64 -26.40
CA ASN A 141 -19.26 3.65 -26.67
C ASN A 141 -18.66 2.26 -26.57
N MET A 142 -19.20 1.44 -25.67
CA MET A 142 -18.65 0.12 -25.44
C MET A 142 -19.01 -0.83 -26.57
N ILE A 143 -20.24 -0.72 -27.11
CA ILE A 143 -20.59 -1.46 -28.33
C ILE A 143 -19.69 -1.03 -29.47
N LEU A 144 -19.45 0.27 -29.62
CA LEU A 144 -18.54 0.72 -30.67
C LEU A 144 -17.18 0.07 -30.53
N ALA A 145 -16.65 0.03 -29.30
CA ALA A 145 -15.33 -0.56 -29.08
C ALA A 145 -15.34 -2.05 -29.42
N LEU A 146 -16.38 -2.77 -29.01
CA LEU A 146 -16.45 -4.19 -29.34
C LEU A 146 -16.48 -4.40 -30.84
N THR A 147 -17.29 -3.61 -31.55
CA THR A 147 -17.34 -3.73 -33.00
C THR A 147 -15.98 -3.48 -33.62
N VAL A 148 -15.31 -2.42 -33.17
CA VAL A 148 -14.00 -2.05 -33.72
C VAL A 148 -13.02 -3.20 -33.56
N ALA A 149 -13.00 -3.81 -32.38
CA ALA A 149 -12.14 -4.97 -32.19
C ALA A 149 -12.55 -6.12 -33.10
N ILE A 150 -13.85 -6.36 -33.25
CA ILE A 150 -14.32 -7.39 -34.18
C ILE A 150 -13.99 -7.00 -35.62
N ASN A 151 -14.04 -5.70 -35.93
CA ASN A 151 -13.67 -5.22 -37.26
C ASN A 151 -12.17 -5.10 -37.43
N ASN A 152 -11.39 -5.76 -36.59
CA ASN A 152 -9.94 -5.76 -36.73
C ASN A 152 -9.38 -7.15 -36.45
N LEU A 186 -28.66 -3.59 -31.89
CA LEU A 186 -28.34 -2.93 -30.62
C LEU A 186 -27.15 -3.62 -29.93
N THR A 187 -27.22 -3.77 -28.62
CA THR A 187 -26.17 -4.40 -27.83
C THR A 187 -25.92 -5.86 -28.24
N THR A 188 -26.84 -6.48 -28.96
CA THR A 188 -26.78 -7.92 -29.21
C THR A 188 -25.61 -8.23 -30.15
N LEU A 189 -24.41 -8.10 -29.60
CA LEU A 189 -23.24 -8.81 -30.09
C LEU A 189 -22.95 -10.04 -29.25
N TYR A 190 -23.78 -10.28 -28.23
CA TYR A 190 -23.70 -11.44 -27.35
C TYR A 190 -24.24 -12.70 -28.02
N VAL A 191 -24.93 -12.56 -29.14
CA VAL A 191 -25.47 -13.73 -29.84
C VAL A 191 -24.38 -14.42 -30.66
N HIS A 192 -23.58 -13.65 -31.38
CA HIS A 192 -22.40 -14.15 -32.07
C HIS A 192 -21.23 -13.26 -31.72
N HIS A 193 -20.07 -13.87 -31.48
CA HIS A 193 -18.98 -13.26 -30.72
C HIS A 193 -19.45 -12.92 -29.31
N GLU A 194 -19.77 -13.99 -28.58
CA GLU A 194 -20.31 -13.95 -27.23
C GLU A 194 -19.22 -13.85 -26.17
N VAL A 195 -18.21 -14.72 -26.25
CA VAL A 195 -17.20 -14.77 -25.22
C VAL A 195 -16.41 -13.48 -25.18
N ARG A 196 -16.18 -12.87 -26.35
CA ARG A 196 -15.42 -11.63 -26.37
C ARG A 196 -16.19 -10.52 -25.66
N VAL A 197 -17.50 -10.43 -25.90
CA VAL A 197 -18.31 -9.41 -25.23
C VAL A 197 -18.31 -9.67 -23.73
N LEU A 198 -18.46 -10.94 -23.34
CA LEU A 198 -18.46 -11.27 -21.91
C LEU A 198 -17.14 -10.88 -21.26
N ALA A 199 -16.02 -11.22 -21.89
CA ALA A 199 -14.72 -10.91 -21.32
C ALA A 199 -14.48 -9.41 -21.24
N ALA A 200 -14.91 -8.69 -22.28
CA ALA A 200 -14.73 -7.24 -22.27
C ALA A 200 -15.51 -6.61 -21.13
N TYR A 201 -16.74 -7.09 -20.88
CA TYR A 201 -17.48 -6.53 -19.76
C TYR A 201 -16.94 -7.02 -18.42
N ARG A 202 -16.27 -8.17 -18.38
CA ARG A 202 -15.50 -8.53 -17.20
C ARG A 202 -14.49 -7.43 -16.89
N ARG A 203 -13.69 -7.09 -17.90
CA ARG A 203 -12.64 -6.09 -17.72
C ARG A 203 -13.19 -4.71 -17.43
N ALA A 204 -14.41 -4.40 -17.89
CA ALA A 204 -14.93 -3.05 -17.77
C ALA A 204 -15.42 -2.75 -16.37
N TYR A 205 -16.32 -3.59 -15.85
CA TYR A 205 -16.80 -3.45 -14.48
C TYR A 205 -15.94 -4.34 -13.60
N TYR A 206 -14.83 -3.80 -13.11
CA TYR A 206 -13.85 -4.62 -12.44
C TYR A 206 -14.31 -5.05 -11.06
N GLY A 207 -14.17 -6.34 -10.77
CA GLY A 207 -14.56 -6.85 -9.47
C GLY A 207 -16.03 -6.67 -9.17
N SER A 208 -16.85 -6.73 -10.20
CA SER A 208 -18.30 -6.76 -10.02
C SER A 208 -18.83 -8.18 -9.87
N ALA A 209 -17.96 -9.19 -9.97
CA ALA A 209 -18.32 -10.58 -9.75
C ALA A 209 -17.51 -11.08 -8.57
N GLN A 210 -18.01 -10.83 -7.37
CA GLN A 210 -17.39 -11.26 -6.13
C GLN A 210 -18.26 -12.31 -5.47
N SER A 211 -17.86 -12.69 -4.27
CA SER A 211 -18.64 -13.59 -3.45
C SER A 211 -19.35 -12.80 -2.34
N PRO A 212 -20.40 -13.35 -1.75
CA PRO A 212 -20.99 -12.70 -0.58
C PRO A 212 -20.00 -12.56 0.54
N PHE A 213 -19.12 -13.56 0.69
CA PHE A 213 -18.10 -13.49 1.72
C PHE A 213 -17.22 -12.28 1.52
N TRP A 214 -17.01 -11.85 0.27
CA TRP A 214 -16.18 -10.67 0.04
C TRP A 214 -16.81 -9.42 0.63
N PHE A 215 -18.09 -9.20 0.35
CA PHE A 215 -18.77 -8.04 0.92
C PHE A 215 -18.82 -8.13 2.43
N LEU A 216 -19.07 -9.33 2.96
CA LEU A 216 -19.19 -9.49 4.40
C LEU A 216 -17.85 -9.25 5.08
N SER A 217 -16.76 -9.71 4.47
CA SER A 217 -15.46 -9.63 5.11
C SER A 217 -14.85 -8.25 4.95
N LYS A 218 -14.70 -7.78 3.72
CA LYS A 218 -14.04 -6.51 3.49
C LYS A 218 -14.81 -5.37 4.14
N PHE A 219 -16.13 -5.40 4.07
CA PHE A 219 -16.90 -4.21 4.38
C PHE A 219 -17.49 -4.22 5.78
N GLY A 220 -17.12 -5.18 6.62
CA GLY A 220 -17.41 -5.07 8.03
C GLY A 220 -17.97 -6.31 8.67
N PRO A 221 -17.61 -6.55 9.92
CA PRO A 221 -18.19 -7.68 10.66
C PRO A 221 -19.53 -7.34 11.29
N ASP A 222 -19.77 -6.06 11.56
CA ASP A 222 -20.96 -5.63 12.27
C ASP A 222 -21.99 -5.09 11.27
N GLU A 223 -23.25 -5.09 11.70
CA GLU A 223 -24.32 -4.52 10.89
C GLU A 223 -24.01 -3.09 10.52
N LYS A 224 -23.64 -2.28 11.51
CA LYS A 224 -23.39 -0.86 11.27
C LYS A 224 -22.35 -0.69 10.19
N SER A 225 -21.24 -1.39 10.32
CA SER A 225 -20.17 -1.28 9.34
C SER A 225 -20.67 -1.64 7.96
N LEU A 226 -21.28 -2.82 7.81
CA LEU A 226 -21.79 -3.23 6.51
C LEU A 226 -22.67 -2.15 5.90
N VAL A 227 -23.80 -1.87 6.51
CA VAL A 227 -24.75 -0.95 5.90
C VAL A 227 -24.10 0.40 5.61
N LEU A 228 -23.66 1.09 6.67
CA LEU A 228 -23.27 2.48 6.49
C LEU A 228 -21.96 2.62 5.73
N THR A 229 -20.94 1.83 6.07
CA THR A 229 -19.67 1.93 5.37
C THR A 229 -19.82 1.55 3.91
N THR A 230 -20.50 0.44 3.60
CA THR A 230 -20.69 0.07 2.21
C THR A 230 -21.37 1.18 1.45
N ARG A 231 -22.51 1.66 1.97
CA ARG A 231 -23.25 2.70 1.29
C ARG A 231 -22.39 3.92 1.05
N TYR A 232 -21.76 4.45 2.10
CA TYR A 232 -20.97 5.66 1.97
C TYR A 232 -19.84 5.46 0.97
N TYR A 233 -18.93 4.51 1.27
CA TYR A 233 -17.72 4.35 0.49
C TYR A 233 -18.05 4.13 -0.98
N LEU A 234 -18.95 3.21 -1.29
CA LEU A 234 -19.17 2.88 -2.69
C LEU A 234 -20.07 3.88 -3.41
N LEU A 235 -20.95 4.61 -2.71
CA LEU A 235 -21.91 5.47 -3.39
C LEU A 235 -21.78 6.94 -3.02
N GLN A 236 -21.84 7.28 -1.75
CA GLN A 236 -21.95 8.67 -1.34
C GLN A 236 -20.63 9.41 -1.39
N ALA A 237 -19.50 8.71 -1.29
CA ALA A 237 -18.23 9.38 -1.43
C ALA A 237 -18.08 9.98 -2.82
N GLN A 238 -18.45 9.22 -3.84
CA GLN A 238 -18.39 9.74 -5.21
C GLN A 238 -19.50 10.76 -5.44
N ARG A 239 -20.72 10.47 -4.97
CA ARG A 239 -21.79 11.44 -5.20
C ARG A 239 -21.51 12.78 -4.54
N LEU A 240 -21.02 12.77 -3.31
CA LEU A 240 -20.84 14.01 -2.57
C LEU A 240 -19.41 14.51 -2.66
N THR A 244 -13.43 16.23 -0.41
CA THR A 244 -14.28 15.86 0.71
C THR A 244 -13.77 14.61 1.43
N ALA A 245 -14.10 13.44 0.90
CA ALA A 245 -13.82 12.17 1.56
C ALA A 245 -13.21 11.18 0.57
N THR A 246 -12.18 11.63 -0.13
CA THR A 246 -11.32 10.70 -0.86
C THR A 246 -10.42 9.96 0.11
N TYR A 247 -11.01 9.16 0.99
CA TYR A 247 -10.29 8.46 2.05
C TYR A 247 -10.30 6.97 1.77
N ASP A 248 -9.35 6.28 2.37
CA ASP A 248 -9.27 4.83 2.22
C ASP A 248 -10.44 4.16 2.93
N LEU A 249 -10.69 2.90 2.58
CA LEU A 249 -11.78 2.16 3.17
C LEU A 249 -11.61 2.02 4.68
N GLN A 250 -10.41 1.68 5.13
CA GLN A 250 -10.17 1.52 6.56
C GLN A 250 -10.41 2.82 7.30
N ALA A 251 -10.15 3.94 6.65
CA ALA A 251 -10.43 5.23 7.28
C ALA A 251 -11.91 5.38 7.58
N ILE A 252 -12.77 5.06 6.61
CA ILE A 252 -14.20 5.15 6.84
C ILE A 252 -14.70 4.10 7.81
N LYS A 253 -14.06 2.92 7.85
CA LYS A 253 -14.39 1.95 8.88
C LYS A 253 -14.12 2.50 10.26
N ASP A 254 -12.96 3.15 10.42
CA ASP A 254 -12.63 3.77 11.70
C ASP A 254 -13.61 4.88 12.05
N ILE A 255 -14.01 5.67 11.06
CA ILE A 255 -14.99 6.73 11.31
C ILE A 255 -16.33 6.12 11.72
N CYS A 256 -16.70 5.00 11.10
CA CYS A 256 -17.93 4.31 11.47
C CYS A 256 -17.87 3.83 12.91
N ALA A 257 -16.73 3.26 13.32
CA ALA A 257 -16.59 2.79 14.69
C ALA A 257 -16.83 3.90 15.69
N THR A 258 -16.42 5.12 15.35
CA THR A 258 -16.67 6.27 16.20
C THR A 258 -18.12 6.70 16.17
N TYR A 259 -18.91 6.24 15.19
CA TYR A 259 -20.31 6.60 15.09
C TYR A 259 -21.08 5.83 16.17
N ALA A 260 -20.89 6.26 17.42
CA ALA A 260 -21.43 5.55 18.57
C ALA A 260 -22.87 6.00 18.80
N ILE A 261 -23.76 5.42 18.00
CA ILE A 261 -25.17 5.77 18.04
C ILE A 261 -25.92 4.68 18.78
N PRO A 262 -27.14 4.92 19.27
CA PRO A 262 -27.91 3.86 19.92
C PRO A 262 -28.05 2.59 19.10
N HIS A 263 -27.45 1.52 19.58
CA HIS A 263 -27.62 0.21 18.97
C HIS A 263 -28.93 -0.40 19.45
N ALA A 264 -29.41 -1.38 18.69
CA ALA A 264 -30.65 -2.02 19.05
C ALA A 264 -30.52 -3.51 18.85
N PRO A 265 -30.95 -4.32 19.81
CA PRO A 265 -30.89 -5.76 19.62
C PRO A 265 -31.73 -6.20 18.43
N ARG A 266 -31.24 -7.20 17.73
CA ARG A 266 -31.85 -7.65 16.48
C ARG A 266 -33.12 -8.44 16.78
N PRO A 267 -34.28 -8.01 16.28
CA PRO A 267 -35.53 -8.79 16.47
C PRO A 267 -35.39 -10.27 16.17
N ASP A 268 -34.47 -10.64 15.27
CA ASP A 268 -34.17 -12.03 14.98
C ASP A 268 -32.65 -12.17 14.84
N THR A 269 -32.00 -12.44 15.98
CA THR A 269 -30.54 -12.40 16.03
C THR A 269 -29.94 -13.44 15.09
N VAL A 270 -29.31 -12.97 14.02
CA VAL A 270 -28.72 -13.83 13.01
C VAL A 270 -27.43 -13.19 12.52
N SER A 271 -26.60 -13.98 11.86
CA SER A 271 -25.50 -13.49 11.04
C SER A 271 -24.98 -14.66 10.22
N ALA A 272 -24.83 -14.44 8.92
CA ALA A 272 -24.32 -15.47 8.01
C ALA A 272 -25.12 -16.77 8.14
N THR A 276 -25.48 -16.94 4.19
CA THR A 276 -24.39 -17.74 3.62
C THR A 276 -23.96 -17.20 2.27
N SER A 277 -24.69 -17.58 1.23
CA SER A 277 -24.45 -17.12 -0.13
C SER A 277 -25.35 -15.92 -0.43
N PHE A 278 -25.40 -15.51 -1.69
CA PHE A 278 -26.23 -14.34 -2.04
C PHE A 278 -27.69 -14.76 -2.03
N ALA A 279 -28.26 -14.78 -0.84
CA ALA A 279 -29.69 -14.52 -0.69
C ALA A 279 -30.02 -13.58 0.47
N ALA A 280 -29.26 -13.63 1.56
CA ALA A 280 -29.72 -13.14 2.85
C ALA A 280 -28.96 -11.92 3.35
N ILE A 281 -27.82 -11.60 2.76
CA ILE A 281 -27.14 -10.38 3.20
C ILE A 281 -27.99 -9.17 2.85
N THR A 282 -28.76 -9.25 1.77
CA THR A 282 -29.69 -8.19 1.43
C THR A 282 -30.72 -7.99 2.52
N ARG A 283 -31.36 -9.08 2.95
CA ARG A 283 -32.29 -8.95 4.06
C ARG A 283 -31.56 -8.67 5.36
N PHE A 284 -30.27 -8.97 5.41
CA PHE A 284 -29.44 -8.69 6.57
C PHE A 284 -29.07 -7.22 6.65
N CYS A 285 -29.31 -6.45 5.58
CA CYS A 285 -28.92 -5.04 5.54
C CYS A 285 -30.10 -4.09 5.35
N CYS A 286 -31.05 -4.42 4.49
CA CYS A 286 -32.17 -3.53 4.21
C CYS A 286 -33.11 -3.39 5.39
N THR A 287 -33.20 -4.41 6.24
CA THR A 287 -34.02 -4.33 7.44
C THR A 287 -33.29 -3.71 8.62
N SER A 288 -31.99 -3.45 8.48
CA SER A 288 -31.21 -2.92 9.59
C SER A 288 -31.71 -1.54 9.98
N GLN A 289 -31.74 -1.28 11.28
CA GLN A 289 -32.13 0.03 11.77
C GLN A 289 -31.22 1.12 11.23
N TYR A 290 -29.98 0.76 10.92
CA TYR A 290 -28.98 1.74 10.52
C TYR A 290 -29.18 2.25 9.10
N ALA A 291 -29.94 1.52 8.28
CA ALA A 291 -30.13 1.90 6.89
C ALA A 291 -31.19 2.96 6.67
N ARG A 292 -31.98 3.27 7.69
CA ARG A 292 -33.12 4.18 7.55
C ARG A 292 -33.23 5.03 8.80
N GLY A 293 -33.32 6.33 8.63
CA GLY A 293 -33.59 7.22 9.73
C GLY A 293 -32.43 8.16 10.01
N ALA A 294 -32.38 8.62 11.25
CA ALA A 294 -31.39 9.62 11.63
C ALA A 294 -29.98 9.12 11.41
N ALA A 295 -29.74 7.83 11.67
CA ALA A 295 -28.39 7.30 11.51
C ALA A 295 -27.95 7.34 10.06
N ALA A 296 -28.76 6.79 9.17
CA ALA A 296 -28.42 6.76 7.76
C ALA A 296 -28.38 8.15 7.17
N ALA A 297 -29.14 9.08 7.76
CA ALA A 297 -29.17 10.45 7.26
C ALA A 297 -28.05 11.29 7.81
N GLY A 298 -27.42 10.86 8.90
CA GLY A 298 -26.43 11.69 9.54
C GLY A 298 -25.04 11.15 9.39
N PHE A 299 -24.90 9.93 8.89
CA PHE A 299 -23.56 9.37 8.77
C PHE A 299 -22.63 10.17 7.86
N PRO A 300 -23.00 10.51 6.61
CA PRO A 300 -22.04 11.25 5.78
C PRO A 300 -21.68 12.61 6.35
N LEU A 301 -22.66 13.30 6.91
CA LEU A 301 -22.39 14.59 7.51
C LEU A 301 -21.41 14.44 8.67
N TYR A 302 -21.56 13.36 9.44
CA TYR A 302 -20.62 13.14 10.53
C TYR A 302 -19.26 12.71 10.04
N VAL A 303 -19.18 12.02 8.92
CA VAL A 303 -17.86 11.74 8.33
C VAL A 303 -17.13 13.04 8.07
N GLU A 304 -17.84 13.99 7.45
CA GLU A 304 -17.24 15.30 7.21
C GLU A 304 -16.84 15.97 8.51
N ARG A 305 -17.72 15.94 9.52
CA ARG A 305 -17.44 16.63 10.78
C ARG A 305 -16.23 16.04 11.47
N ARG A 306 -16.15 14.71 11.51
CA ARG A 306 -15.01 14.04 12.12
C ARG A 306 -13.72 14.37 11.41
N ILE A 307 -13.74 14.36 10.07
CA ILE A 307 -12.54 14.70 9.34
C ILE A 307 -12.16 16.15 9.60
N ALA A 308 -13.15 17.03 9.71
CA ALA A 308 -12.85 18.42 9.99
C ALA A 308 -12.13 18.57 11.32
N ALA A 309 -12.65 17.93 12.36
CA ALA A 309 -12.04 18.04 13.67
C ALA A 309 -10.63 17.46 13.67
N ASP A 310 -10.48 16.24 13.16
CA ASP A 310 -9.16 15.64 13.09
C ASP A 310 -8.20 16.53 12.34
N VAL A 311 -8.49 16.82 11.07
CA VAL A 311 -7.57 17.58 10.23
C VAL A 311 -7.21 18.89 10.88
N ARG A 312 -8.17 19.55 11.54
CA ARG A 312 -7.83 20.75 12.30
C ARG A 312 -6.71 20.44 13.27
N GLU A 313 -6.88 19.39 14.07
CA GLU A 313 -5.90 19.09 15.11
C GLU A 313 -4.56 18.67 14.52
N THR A 314 -4.60 17.74 13.58
CA THR A 314 -3.38 17.20 12.99
C THR A 314 -2.60 18.27 12.24
N SER A 315 -3.28 19.10 11.45
CA SER A 315 -2.59 20.16 10.74
C SER A 315 -2.03 21.19 11.70
N ALA A 316 -2.78 21.54 12.74
CA ALA A 316 -2.27 22.49 13.70
C ALA A 316 -1.02 21.98 14.39
N LEU A 317 -0.94 20.68 14.63
CA LEU A 317 0.29 20.17 15.23
C LEU A 317 1.42 20.00 14.22
N GLU A 318 1.10 19.63 12.98
CA GLU A 318 2.14 19.60 11.95
C GLU A 318 2.76 20.96 11.76
N LYS A 319 2.00 22.03 11.94
CA LYS A 319 2.59 23.36 11.83
C LYS A 319 3.71 23.53 12.83
N PHE A 320 3.44 23.23 14.10
CA PHE A 320 4.45 23.38 15.13
C PHE A 320 5.63 22.45 14.90
N ILE A 321 5.35 21.20 14.53
CA ILE A 321 6.45 20.26 14.30
C ILE A 321 7.32 20.74 13.15
N THR A 322 6.69 21.10 12.03
CA THR A 322 7.44 21.46 10.83
C THR A 322 8.26 22.73 11.05
N HIS A 323 7.69 23.73 11.72
CA HIS A 323 8.49 24.93 11.97
C HIS A 323 9.66 24.63 12.88
N ASP A 324 9.38 24.02 14.04
CA ASP A 324 10.46 23.75 14.99
C ASP A 324 11.44 22.75 14.41
N ARG A 325 11.03 21.99 13.42
CA ARG A 325 11.93 21.05 12.76
C ARG A 325 12.90 21.78 11.85
N SER A 326 12.47 22.88 11.25
CA SER A 326 13.29 23.62 10.30
C SER A 326 13.91 24.87 10.92
N CYS A 327 13.89 24.99 12.24
CA CYS A 327 14.53 26.13 12.89
C CYS A 327 15.43 25.74 14.04
N LEU A 328 15.41 24.50 14.51
CA LEU A 328 16.29 24.07 15.60
C LEU A 328 17.69 23.84 15.04
N ARG A 329 18.58 24.81 15.22
CA ARG A 329 19.99 24.57 14.97
C ARG A 329 20.45 23.69 16.13
N VAL A 330 20.62 22.39 15.86
CA VAL A 330 20.79 21.43 16.92
C VAL A 330 21.61 20.26 16.43
N SER A 331 22.33 19.62 17.37
CA SER A 331 23.08 18.40 17.12
C SER A 331 22.18 17.33 16.54
N ASP A 332 22.79 16.36 15.86
CA ASP A 332 22.00 15.32 15.18
C ASP A 332 21.28 14.44 16.18
N ARG A 333 21.98 14.05 17.25
CA ARG A 333 21.37 13.25 18.31
C ARG A 333 20.13 13.93 18.86
N GLU A 334 20.27 15.19 19.26
CA GLU A 334 19.13 15.90 19.78
C GLU A 334 18.08 16.14 18.72
N PHE A 335 18.45 16.18 17.44
CA PHE A 335 17.43 16.33 16.42
C PHE A 335 16.53 15.11 16.35
N ILE A 336 17.12 13.91 16.33
CA ILE A 336 16.27 12.73 16.26
C ILE A 336 15.51 12.53 17.55
N THR A 337 16.15 12.79 18.68
CA THR A 337 15.43 12.79 19.95
C THR A 337 14.23 13.71 19.88
N TYR A 338 14.41 14.92 19.34
CA TYR A 338 13.32 15.88 19.28
C TYR A 338 12.21 15.42 18.35
N ILE A 339 12.55 14.92 17.17
CA ILE A 339 11.50 14.56 16.22
C ILE A 339 10.63 13.45 16.81
N TYR A 340 11.26 12.43 17.39
CA TYR A 340 10.43 11.39 17.96
C TYR A 340 9.71 11.85 19.21
N LEU A 341 10.31 12.73 20.00
CA LEU A 341 9.63 13.26 21.18
C LEU A 341 8.42 14.08 20.81
N ALA A 342 8.52 14.89 19.76
CA ALA A 342 7.39 15.68 19.32
C ALA A 342 6.27 14.80 18.82
N HIS A 343 6.60 13.80 18.01
CA HIS A 343 5.54 12.92 17.52
C HIS A 343 4.90 12.13 18.65
N PHE A 344 5.68 11.76 19.67
CA PHE A 344 5.09 11.09 20.83
C PHE A 344 4.19 12.01 21.62
N GLU A 345 4.66 13.22 21.91
CA GLU A 345 3.90 14.14 22.72
C GLU A 345 2.64 14.62 22.02
N CYS A 346 2.60 14.52 20.69
CA CYS A 346 1.39 14.89 19.97
C CYS A 346 0.44 13.72 19.75
N PHE A 347 0.93 12.58 19.30
CA PHE A 347 0.07 11.51 18.78
C PHE A 347 0.32 10.21 19.52
N SER A 348 0.33 10.27 20.85
CA SER A 348 0.46 9.07 21.66
C SER A 348 -0.84 8.27 21.66
N PRO A 349 -0.77 6.98 21.94
CA PRO A 349 -1.98 6.18 22.07
C PRO A 349 -2.95 6.73 23.11
N PRO A 350 -2.47 7.20 24.28
CA PRO A 350 -3.42 7.84 25.20
C PRO A 350 -4.06 9.09 24.63
N ARG A 351 -3.28 9.95 23.99
CA ARG A 351 -3.85 11.19 23.47
C ARG A 351 -4.72 10.93 22.26
N LEU A 352 -4.35 9.95 21.44
CA LEU A 352 -5.24 9.54 20.35
C LEU A 352 -6.56 9.01 20.88
N ALA A 353 -6.52 8.23 21.96
CA ALA A 353 -7.75 7.74 22.56
C ALA A 353 -8.59 8.89 23.09
N THR A 354 -7.95 9.86 23.75
CA THR A 354 -8.69 10.99 24.29
C THR A 354 -9.35 11.79 23.19
N HIS A 355 -8.64 12.02 22.09
CA HIS A 355 -9.20 12.77 20.98
C HIS A 355 -10.32 11.99 20.30
N LEU A 356 -10.14 10.69 20.13
CA LEU A 356 -11.19 9.89 19.50
C LEU A 356 -12.46 9.89 20.34
N ARG A 357 -12.33 9.83 21.66
CA ARG A 357 -13.50 10.01 22.51
C ARG A 357 -14.08 11.40 22.36
N ALA A 358 -13.21 12.41 22.25
CA ALA A 358 -13.70 13.78 22.15
C ALA A 358 -14.43 14.05 20.85
N VAL A 359 -14.17 13.27 19.80
CA VAL A 359 -14.83 13.44 18.52
C VAL A 359 -15.95 12.41 18.33
N THR A 360 -16.22 11.60 19.34
CA THR A 360 -17.28 10.61 19.23
C THR A 360 -18.65 11.26 19.39
N THR A 361 -19.59 10.83 18.56
CA THR A 361 -20.96 11.31 18.61
C THR A 361 -21.87 10.21 19.12
N HIS A 362 -22.89 10.62 19.86
CA HIS A 362 -23.86 9.67 20.41
C HIS A 362 -25.26 9.84 19.84
N ASP A 363 -25.56 10.97 19.21
CA ASP A 363 -26.86 11.17 18.58
C ASP A 363 -26.63 11.66 17.16
N PRO A 364 -27.19 10.99 16.14
CA PRO A 364 -26.90 11.38 14.76
C PRO A 364 -27.29 12.79 14.39
N ASN A 365 -28.33 13.35 14.98
CA ASN A 365 -28.76 14.70 14.63
C ASN A 365 -27.65 15.69 14.96
N PRO A 366 -27.17 16.49 14.01
CA PRO A 366 -26.17 17.51 14.32
C PRO A 366 -26.66 18.61 15.25
N ALA A 367 -27.95 18.68 15.56
CA ALA A 367 -28.42 19.58 16.61
C ALA A 367 -28.08 19.09 18.00
N ALA A 368 -27.91 17.78 18.19
CA ALA A 368 -27.49 17.24 19.50
C ALA A 368 -25.99 17.31 19.66
N SER A 369 -25.25 16.59 18.81
CA SER A 369 -23.80 16.72 18.68
C SER A 369 -23.11 16.51 20.03
N THR A 370 -23.22 15.28 20.54
CA THR A 370 -22.59 14.94 21.81
C THR A 370 -21.08 15.10 21.77
N GLU A 371 -20.47 15.10 20.57
CA GLU A 371 -19.06 15.40 20.42
C GLU A 371 -18.75 16.77 21.00
N GLN A 372 -17.64 16.87 21.72
CA GLN A 372 -17.21 18.09 22.37
C GLN A 372 -15.85 18.51 21.85
N PRO A 373 -15.48 19.79 21.99
CA PRO A 373 -14.19 20.26 21.47
C PRO A 373 -13.03 19.48 22.06
N SER A 374 -12.09 19.11 21.18
CA SER A 374 -11.00 18.19 21.46
C SER A 374 -9.87 18.88 22.21
N PRO A 375 -9.17 18.13 23.07
CA PRO A 375 -7.96 18.65 23.73
C PRO A 375 -6.64 18.25 23.08
N LEU A 376 -6.67 17.63 21.89
CA LEU A 376 -5.46 17.10 21.28
C LEU A 376 -4.42 18.19 21.05
N GLY A 377 -4.86 19.32 20.51
CA GLY A 377 -3.91 20.37 20.17
C GLY A 377 -3.54 21.24 21.36
N ARG A 378 -4.49 21.46 22.28
CA ARG A 378 -4.21 22.29 23.43
C ARG A 378 -3.20 21.63 24.36
N GLU A 379 -2.91 20.35 24.13
CA GLU A 379 -1.84 19.67 24.84
C GLU A 379 -0.47 19.97 24.26
N ALA A 380 -0.35 21.06 23.51
CA ALA A 380 0.95 21.61 23.18
C ALA A 380 1.62 22.23 24.39
N VAL A 381 0.88 22.42 25.49
CA VAL A 381 1.43 23.10 26.66
C VAL A 381 2.49 22.21 27.33
N GLU A 382 2.28 20.89 27.30
CA GLU A 382 3.24 20.00 27.95
C GLU A 382 4.60 20.02 27.26
N GLN A 383 4.62 20.04 25.94
CA GLN A 383 5.88 19.90 25.23
C GLN A 383 6.35 21.16 24.53
N PHE A 384 5.45 21.93 23.94
CA PHE A 384 5.90 23.07 23.15
C PHE A 384 6.26 24.24 24.04
N PHE A 385 7.17 23.99 24.97
CA PHE A 385 7.90 25.00 25.71
C PHE A 385 9.11 25.49 24.92
N CYS A 386 9.24 25.08 23.66
CA CYS A 386 10.35 25.46 22.83
C CYS A 386 10.22 26.93 22.42
N HIS A 387 10.44 27.83 23.38
CA HIS A 387 10.39 29.25 23.08
C HIS A 387 11.71 29.73 22.49
N VAL A 388 12.83 29.37 23.13
CA VAL A 388 14.20 29.70 22.72
C VAL A 388 14.37 30.85 21.72
N VAL A 876 22.95 18.47 30.45
CA VAL A 876 21.86 17.67 29.89
C VAL A 876 20.78 18.57 29.33
N SER A 877 20.35 18.30 28.10
CA SER A 877 19.40 19.14 27.40
C SER A 877 17.98 18.61 27.52
N PHE A 878 17.02 19.50 27.31
CA PHE A 878 15.63 19.27 27.68
C PHE A 878 15.00 18.15 26.87
N PHE A 879 15.42 18.00 25.61
CA PHE A 879 14.84 16.95 24.78
C PHE A 879 15.15 15.57 25.33
N GLU A 880 16.32 15.39 25.96
CA GLU A 880 16.63 14.11 26.57
C GLU A 880 15.82 13.88 27.83
N ARG A 881 15.73 14.88 28.70
CA ARG A 881 15.08 14.65 29.98
C ARG A 881 13.58 14.47 29.82
N LYS A 882 12.96 15.17 28.86
CA LYS A 882 11.56 14.88 28.57
C LYS A 882 11.39 13.49 27.99
N ALA A 883 12.32 13.05 27.13
CA ALA A 883 12.26 11.69 26.62
C ALA A 883 12.36 10.69 27.75
N SER A 884 13.15 10.97 28.78
CA SER A 884 13.25 10.06 29.91
C SER A 884 11.97 10.06 30.72
N ARG A 885 11.48 11.25 31.02
CA ARG A 885 10.27 11.34 31.88
C ARG A 885 9.08 11.07 30.99
N ASN A 886 9.27 10.67 30.42
CA ASN A 886 8.18 10.26 29.50
C ASN A 886 8.25 8.74 29.38
N ALA A 887 9.47 7.95 28.60
CA ALA A 887 9.66 6.50 28.46
C ALA A 887 9.48 5.83 29.81
N LEU A 888 9.88 6.51 30.88
CA LEU A 888 9.61 5.91 32.18
C LEU A 888 8.14 5.56 32.30
N GLU A 889 7.26 6.49 31.91
CA GLU A 889 5.84 6.22 31.91
C GLU A 889 5.48 5.12 30.93
N HIS A 890 5.72 5.35 29.65
CA HIS A 890 5.06 4.54 28.63
C HIS A 890 5.73 3.20 28.40
N PHE A 891 6.95 2.99 28.85
CA PHE A 891 7.62 1.73 28.63
C PHE A 891 7.94 0.97 29.91
N GLY A 892 8.06 1.66 31.04
CA GLY A 892 8.26 1.03 32.31
C GLY A 892 9.48 1.58 33.03
N ARG A 893 9.59 1.19 34.30
CA ARG A 893 10.75 1.53 35.12
C ARG A 893 11.84 0.50 34.86
N ARG A 894 13.02 0.98 34.48
CA ARG A 894 14.13 0.11 34.12
C ARG A 894 14.99 -0.26 35.31
N GLU A 895 14.41 -0.23 36.52
CA GLU A 895 15.12 -0.45 37.79
C GLU A 895 16.50 0.21 37.76
N THR A 896 17.51 -0.46 38.30
CA THR A 896 18.86 0.07 38.27
C THR A 896 19.83 -1.08 38.52
N LEU A 897 21.11 -0.82 38.26
CA LEU A 897 22.13 -1.83 38.51
C LEU A 897 22.23 -2.17 39.99
N THR A 898 22.18 -1.15 40.85
CA THR A 898 22.27 -1.40 42.28
C THR A 898 21.11 -2.27 42.76
N GLU A 899 19.99 -2.25 42.04
CA GLU A 899 18.86 -3.09 42.41
C GLU A 899 19.21 -4.57 42.35
N VAL A 900 19.96 -4.99 41.33
CA VAL A 900 20.35 -6.39 41.25
C VAL A 900 21.63 -6.65 42.03
N LEU A 901 22.49 -5.64 42.18
CA LEU A 901 23.63 -5.80 43.08
C LEU A 901 23.17 -6.08 44.50
N GLY A 902 22.02 -5.54 44.88
CA GLY A 902 21.42 -5.94 46.16
C GLY A 902 20.94 -7.37 46.14
N ARG A 903 20.38 -7.82 45.03
CA ARG A 903 19.98 -9.22 44.91
C ARG A 903 21.18 -10.13 45.11
N TYR A 904 22.35 -9.71 44.65
CA TYR A 904 23.60 -10.37 44.98
C TYR A 904 24.34 -9.66 46.10
N ASN A 905 23.62 -8.85 46.87
CA ASN A 905 24.14 -8.21 48.09
C ASN A 905 25.34 -7.31 47.80
N PRO A 908 28.31 -10.93 41.73
CA PRO A 908 29.28 -12.03 41.79
C PRO A 908 30.67 -11.56 42.15
N ASP A 909 30.84 -10.27 42.41
CA ASP A 909 32.17 -9.72 42.66
C ASP A 909 32.87 -10.48 43.80
N ALA A 910 32.11 -10.82 44.83
CA ALA A 910 32.59 -11.72 45.87
C ALA A 910 31.82 -13.03 45.90
N GLY A 911 30.54 -13.00 45.53
CA GLY A 911 29.75 -14.21 45.40
C GLY A 911 30.33 -15.13 44.34
N GLY A 912 30.53 -16.39 44.70
CA GLY A 912 31.27 -17.34 43.89
C GLY A 912 30.82 -17.47 42.45
N THR A 913 29.71 -16.86 42.09
CA THR A 913 29.19 -16.95 40.73
C THR A 913 30.01 -16.15 39.71
N VAL A 914 30.99 -15.32 40.07
CA VAL A 914 31.85 -14.70 39.05
C VAL A 914 32.61 -15.79 38.30
N GLU A 915 33.05 -16.83 39.01
CA GLU A 915 33.53 -18.05 38.39
C GLU A 915 32.42 -19.07 38.22
N GLY A 916 31.16 -18.62 38.26
CA GLY A 916 30.03 -19.51 38.08
C GLY A 916 29.69 -19.78 36.63
N PHE A 917 29.89 -18.78 35.77
CA PHE A 917 29.66 -18.98 34.34
C PHE A 917 30.86 -18.53 33.53
N ALA A 918 31.49 -17.44 33.96
CA ALA A 918 32.63 -16.91 33.22
C ALA A 918 33.78 -17.89 33.20
N SER A 919 34.01 -18.60 34.31
CA SER A 919 34.97 -19.68 34.31
C SER A 919 34.42 -20.95 33.70
N GLU A 920 33.11 -21.02 33.46
CA GLU A 920 32.49 -22.18 32.82
C GLU A 920 32.25 -21.87 31.34
N LEU A 921 33.33 -22.01 30.57
CA LEU A 921 33.20 -21.91 29.12
C LEU A 921 32.28 -22.99 28.57
N LEU A 922 32.18 -24.12 29.26
CA LEU A 922 31.26 -25.20 28.93
C LEU A 922 31.47 -25.72 27.51
N GLY A 923 32.65 -25.54 26.97
CA GLY A 923 32.97 -25.97 25.63
C GLY A 923 32.74 -24.93 24.56
N ARG A 924 32.07 -23.82 24.88
CA ARG A 924 31.95 -22.75 23.90
C ARG A 924 33.29 -22.15 23.56
N ILE A 925 34.32 -22.38 24.38
CA ILE A 925 35.67 -21.99 24.03
C ILE A 925 36.59 -23.19 24.11
N CYS A 1000 27.91 -10.14 28.56
CA CYS A 1000 27.76 -11.59 28.62
C CYS A 1000 29.05 -12.30 28.23
N VAL A 1001 29.00 -13.05 27.12
CA VAL A 1001 30.13 -13.87 26.70
C VAL A 1001 30.51 -13.47 25.27
N SER A 1002 31.81 -13.55 24.99
CA SER A 1002 32.35 -13.34 23.65
C SER A 1002 32.15 -11.90 23.16
N LEU A 1003 32.78 -10.97 23.87
CA LEU A 1003 32.82 -9.57 23.47
C LEU A 1003 34.25 -9.15 23.21
N CYS A 1004 34.44 -7.86 22.97
CA CYS A 1004 35.76 -7.33 22.63
C CYS A 1004 35.91 -5.86 23.01
N ILE A 1023 26.06 -11.29 20.62
CA ILE A 1023 25.59 -12.34 21.52
C ILE A 1023 24.44 -11.77 22.35
N ASP A 1024 23.64 -10.93 21.71
CA ASP A 1024 22.49 -10.34 22.35
C ASP A 1024 21.48 -11.41 22.74
N PHE B 1 -9.48 2.06 14.20
CA PHE B 1 -8.70 1.59 15.34
C PHE B 1 -7.52 2.55 15.47
N LEU B 2 -7.01 2.73 16.68
CA LEU B 2 -6.16 3.88 16.96
C LEU B 2 -4.85 3.86 16.19
N ASN B 3 -4.43 2.71 15.70
CA ASN B 3 -3.13 2.64 15.04
C ASN B 3 -3.10 3.36 13.69
N PHE B 4 -4.24 3.80 13.18
CA PHE B 4 -4.32 4.42 11.87
C PHE B 4 -4.75 5.88 11.94
N THR B 5 -4.22 6.63 12.90
CA THR B 5 -4.35 8.09 12.85
C THR B 5 -3.04 8.68 12.34
N SER B 6 -2.46 7.98 11.37
CA SER B 6 -1.51 8.54 10.42
C SER B 6 -2.08 8.57 9.02
N MET B 7 -3.27 8.00 8.82
CA MET B 7 -3.97 8.11 7.55
C MET B 7 -4.20 9.56 7.16
N HIS B 8 -4.44 10.42 8.15
CA HIS B 8 -4.58 11.84 7.87
C HIS B 8 -3.31 12.45 7.33
N GLY B 9 -2.16 11.81 7.57
CA GLY B 9 -0.91 12.30 7.05
C GLY B 9 -0.67 11.78 5.65
N VAL B 10 -1.50 10.83 5.22
CA VAL B 10 -1.36 10.27 3.89
C VAL B 10 -2.12 11.08 2.86
N GLN B 11 -3.16 11.81 3.24
CA GLN B 11 -3.92 12.57 2.25
C GLN B 11 -3.08 13.64 1.55
N PRO B 12 -2.29 14.46 2.23
CA PRO B 12 -1.45 15.41 1.48
C PRO B 12 -0.58 14.73 0.45
N ILE B 13 -0.03 13.57 0.80
CA ILE B 13 0.73 12.75 -0.14
C ILE B 13 -0.03 12.63 -1.46
N LEU B 14 -1.21 12.04 -1.40
CA LEU B 14 -2.01 11.82 -2.61
C LEU B 14 -2.23 13.12 -3.36
N LYS B 15 -2.47 14.21 -2.63
CA LYS B 15 -2.67 15.49 -3.29
C LYS B 15 -1.51 15.77 -4.23
N ARG B 16 -0.29 15.68 -3.71
CA ARG B 16 0.88 15.91 -4.54
C ARG B 16 0.88 14.99 -5.74
N ILE B 17 0.63 13.70 -5.52
CA ILE B 17 0.65 12.77 -6.63
C ILE B 17 -0.43 13.15 -7.64
N ARG B 18 -1.62 13.49 -7.15
CA ARG B 18 -2.67 13.91 -8.07
C ARG B 18 -2.26 15.19 -8.78
N GLU B 19 -1.64 16.11 -8.06
CA GLU B 19 -1.09 17.30 -8.68
C GLU B 19 0.00 16.94 -9.66
N LEU B 20 0.80 15.93 -9.33
CA LEU B 20 2.00 15.67 -10.10
C LEU B 20 1.70 15.00 -11.43
N SER B 21 0.65 14.20 -11.50
CA SER B 21 0.32 13.49 -12.72
C SER B 21 -0.69 14.22 -13.60
N GLN B 22 -1.45 15.15 -13.02
CA GLN B 22 -2.32 15.98 -13.85
C GLN B 22 -1.51 16.91 -14.75
N GLN B 23 -0.25 17.16 -14.42
CA GLN B 23 0.57 18.10 -15.16
C GLN B 23 0.84 17.59 -16.58
N GLN B 24 0.42 18.36 -17.57
CA GLN B 24 0.71 18.08 -18.96
C GLN B 24 2.05 18.68 -19.35
N LEU B 25 2.74 18.01 -20.26
CA LEU B 25 3.96 18.55 -20.83
C LEU B 25 3.65 19.40 -22.06
N ASP B 26 4.62 20.20 -22.46
CA ASP B 26 4.55 20.94 -23.72
C ASP B 26 4.92 20.00 -24.86
N GLY B 27 4.33 20.27 -26.03
CA GLY B 27 4.45 19.33 -27.13
C GLY B 27 5.86 19.11 -27.62
N ALA B 28 6.69 20.17 -27.61
CA ALA B 28 8.04 20.04 -28.13
C ALA B 28 8.90 19.13 -27.26
N GLN B 29 8.48 18.84 -26.04
CA GLN B 29 9.26 18.04 -25.11
C GLN B 29 8.75 16.61 -25.00
N VAL B 30 7.52 16.35 -25.45
CA VAL B 30 7.01 14.98 -25.46
C VAL B 30 7.85 14.13 -26.39
N PRO B 31 8.32 12.96 -25.98
CA PRO B 31 9.06 12.10 -26.90
C PRO B 31 8.19 11.66 -28.06
N HIS B 32 8.82 11.49 -29.20
CA HIS B 32 8.16 11.09 -30.43
C HIS B 32 8.60 9.69 -30.79
N LEU B 33 7.70 8.93 -31.39
CA LEU B 33 7.98 7.52 -31.66
C LEU B 33 9.25 7.34 -32.49
N GLN B 34 9.58 8.32 -33.33
CA GLN B 34 10.77 8.22 -34.16
C GLN B 34 12.02 8.03 -33.33
N TRP B 35 12.02 8.51 -32.09
CA TRP B 35 13.17 8.32 -31.21
C TRP B 35 13.40 6.83 -30.97
N PHE B 36 12.33 6.08 -30.73
CA PHE B 36 12.41 4.66 -30.45
C PHE B 36 12.69 3.84 -31.70
N ARG B 37 12.51 4.43 -32.88
CA ARG B 37 13.13 3.91 -34.07
C ARG B 37 14.53 4.49 -34.21
N ASP B 38 15.42 3.72 -34.81
CA ASP B 38 16.84 3.98 -34.96
C ASP B 38 17.57 3.81 -33.64
N VAL B 39 16.88 3.68 -32.52
CA VAL B 39 17.43 2.94 -31.40
C VAL B 39 17.43 1.47 -31.72
N ALA B 40 16.37 0.99 -32.37
CA ALA B 40 16.35 -0.38 -32.85
C ALA B 40 17.34 -0.59 -33.99
N ALA B 41 17.76 0.47 -34.66
CA ALA B 41 18.69 0.35 -35.77
C ALA B 41 20.13 0.58 -35.36
N LEU B 42 20.36 1.17 -34.19
CA LEU B 42 21.73 1.50 -33.78
C LEU B 42 22.41 0.27 -33.20
N GLU B 43 23.59 -0.05 -33.74
CA GLU B 43 24.25 -1.32 -33.42
C GLU B 43 24.91 -1.29 -32.04
N SER B 44 25.51 -0.16 -31.68
CA SER B 44 26.24 0.00 -30.43
C SER B 44 25.83 1.32 -29.80
N PRO B 45 25.77 1.41 -28.47
CA PRO B 45 25.24 2.62 -27.82
C PRO B 45 25.98 3.88 -28.21
N ALA B 46 27.10 3.74 -28.93
CA ALA B 46 27.92 4.89 -29.27
C ALA B 46 27.17 5.94 -30.07
N GLY B 47 26.08 5.56 -30.72
CA GLY B 47 25.37 6.50 -31.58
C GLY B 47 24.12 7.09 -30.99
N LEU B 48 23.96 7.01 -29.68
CA LEU B 48 22.77 7.52 -29.02
C LEU B 48 22.84 9.04 -28.90
N PRO B 49 21.77 9.75 -29.26
CA PRO B 49 21.73 11.20 -29.09
C PRO B 49 21.30 11.59 -27.68
N LEU B 50 21.64 12.81 -27.30
CA LEU B 50 21.27 13.33 -26.00
C LEU B 50 19.80 13.75 -26.04
N ARG B 51 18.92 12.91 -25.48
CA ARG B 51 17.50 13.19 -25.49
C ARG B 51 16.93 12.94 -24.10
N GLU B 52 16.11 13.88 -23.63
CA GLU B 52 15.60 13.87 -22.26
C GLU B 52 14.23 13.21 -22.25
N PHE B 53 14.18 11.98 -21.77
CA PHE B 53 12.91 11.33 -21.51
C PHE B 53 12.32 11.88 -20.22
N PRO B 54 11.16 12.53 -20.25
CA PRO B 54 10.64 13.17 -19.04
C PRO B 54 10.04 12.15 -18.07
N PHE B 55 9.91 12.58 -16.82
CA PHE B 55 9.25 11.80 -15.79
C PHE B 55 9.11 12.66 -14.55
N ALA B 56 8.37 12.15 -13.58
CA ALA B 56 8.25 12.73 -12.26
C ALA B 56 8.35 11.61 -11.24
N VAL B 57 8.79 11.95 -10.04
CA VAL B 57 8.94 10.98 -8.96
C VAL B 57 8.36 11.55 -7.69
N TYR B 58 7.64 10.70 -6.95
CA TYR B 58 7.25 11.02 -5.59
C TYR B 58 7.77 9.88 -4.73
N LEU B 59 8.79 10.14 -3.93
CA LEU B 59 9.53 9.07 -3.30
C LEU B 59 8.96 8.74 -1.92
N ILE B 60 9.04 7.46 -1.55
CA ILE B 60 8.58 7.00 -0.24
C ILE B 60 9.70 6.21 0.43
N THR B 61 10.08 6.61 1.64
CA THR B 61 11.12 5.94 2.39
C THR B 61 10.71 5.83 3.85
N GLY B 62 11.40 4.97 4.55
CA GLY B 62 11.16 4.70 5.95
C GLY B 62 11.56 3.28 6.23
N ASN B 63 11.89 3.01 7.48
CA ASN B 63 12.30 1.68 7.92
C ASN B 63 11.20 0.66 7.66
N ALA B 64 11.55 -0.61 7.65
CA ALA B 64 10.53 -1.64 7.55
C ALA B 64 9.64 -1.58 8.80
N GLY B 65 8.39 -1.95 8.62
CA GLY B 65 7.47 -1.82 9.73
C GLY B 65 7.05 -0.41 10.03
N SER B 66 7.40 0.55 9.17
CA SER B 66 6.98 1.92 9.41
C SER B 66 5.56 2.18 8.95
N GLY B 67 5.00 1.27 8.16
CA GLY B 67 3.71 1.52 7.54
C GLY B 67 3.79 2.10 6.16
N LYS B 68 4.93 1.94 5.49
CA LYS B 68 5.11 2.41 4.13
C LYS B 68 4.14 1.74 3.15
N SER B 69 3.64 0.55 3.48
CA SER B 69 2.68 -0.11 2.63
C SER B 69 1.28 0.48 2.75
N THR B 70 1.01 1.19 3.84
CA THR B 70 -0.31 1.80 3.99
C THR B 70 -0.55 2.86 2.93
N CYS B 71 0.50 3.52 2.47
CA CYS B 71 0.33 4.45 1.35
C CYS B 71 -0.09 3.72 0.09
N VAL B 72 0.52 2.56 -0.18
CA VAL B 72 0.13 1.84 -1.38
C VAL B 72 -1.31 1.37 -1.25
N GLN B 73 -1.72 0.99 -0.04
CA GLN B 73 -3.14 0.70 0.18
C GLN B 73 -4.02 1.90 -0.12
N THR B 74 -3.62 3.08 0.34
CA THR B 74 -4.42 4.28 0.12
C THR B 74 -4.38 4.75 -1.32
N ILE B 75 -3.39 4.32 -2.11
CA ILE B 75 -3.39 4.69 -3.51
C ILE B 75 -4.27 3.66 -4.20
N GLU B 77 -5.57 3.75 -3.95
CA GLU B 77 -6.64 3.02 -4.61
C GLU B 77 -7.85 3.93 -4.75
N VAL B 78 -7.66 5.19 -4.43
CA VAL B 78 -8.49 6.26 -4.96
C VAL B 78 -7.84 6.88 -6.19
N LEU B 79 -6.57 6.62 -6.45
CA LEU B 79 -5.89 7.01 -7.67
C LEU B 79 -5.77 5.82 -8.61
N ASP B 80 -5.95 6.08 -9.90
CA ASP B 80 -5.62 5.09 -10.91
C ASP B 80 -4.12 4.91 -10.96
N CYS B 81 -3.66 3.68 -10.77
CA CYS B 81 -2.23 3.43 -10.64
C CYS B 81 -1.91 2.02 -11.08
N VAL B 82 -0.66 1.81 -11.45
CA VAL B 82 -0.10 0.49 -11.68
C VAL B 82 0.85 0.21 -10.54
N VAL B 83 0.38 -0.48 -9.52
CA VAL B 83 1.22 -0.93 -8.43
C VAL B 83 2.03 -2.12 -8.92
N THR B 84 3.35 -2.07 -8.71
CA THR B 84 4.23 -3.14 -9.14
C THR B 84 5.35 -3.29 -8.13
N GLY B 85 5.99 -4.45 -8.14
CA GLY B 85 7.04 -4.76 -7.18
C GLY B 85 8.39 -4.99 -7.82
N ALA B 86 9.45 -4.89 -7.02
CA ALA B 86 10.80 -5.09 -7.51
C ALA B 86 11.24 -6.55 -7.48
N THR B 87 10.58 -7.38 -6.68
CA THR B 87 10.89 -8.79 -6.58
C THR B 87 9.57 -9.54 -6.49
N ARG B 88 9.55 -10.77 -7.01
CA ARG B 88 8.32 -11.56 -6.95
C ARG B 88 7.79 -11.66 -5.53
N ILE B 89 8.70 -11.76 -4.56
CA ILE B 89 8.29 -11.74 -3.16
C ILE B 89 7.55 -10.44 -2.85
N ALA B 90 8.12 -9.31 -3.26
CA ALA B 90 7.48 -8.03 -2.99
C ALA B 90 6.15 -7.92 -3.70
N ALA B 91 6.08 -8.42 -4.94
CA ALA B 91 4.83 -8.36 -5.69
C ALA B 91 3.74 -9.15 -4.99
N GLN B 92 4.06 -10.36 -4.54
CA GLN B 92 3.07 -11.15 -3.81
C GLN B 92 2.72 -10.52 -2.48
N ASN B 93 3.71 -9.92 -1.81
CA ASN B 93 3.45 -9.29 -0.53
C ASN B 93 2.47 -8.14 -0.69
N MET B 94 2.63 -7.31 -1.71
CA MET B 94 1.69 -6.23 -1.95
C MET B 94 0.36 -6.75 -2.49
N TYR B 95 0.36 -7.84 -3.25
CA TYR B 95 -0.91 -8.46 -3.62
C TYR B 95 -1.70 -8.84 -2.39
N ALA B 96 -1.08 -9.55 -1.47
CA ALA B 96 -1.78 -9.93 -0.25
C ALA B 96 -2.17 -8.70 0.55
N LYS B 97 -1.26 -7.74 0.67
CA LYS B 97 -1.51 -6.58 1.52
C LYS B 97 -2.68 -5.75 1.01
N LEU B 98 -2.75 -5.54 -0.30
CA LEU B 98 -3.73 -4.63 -0.87
C LEU B 98 -5.00 -5.34 -1.31
N SER B 99 -4.94 -6.65 -1.54
CA SER B 99 -6.10 -7.47 -1.81
C SER B 99 -6.78 -7.96 -0.54
N GLY B 100 -6.22 -7.63 0.62
CA GLY B 100 -6.92 -7.90 1.86
C GLY B 100 -7.78 -6.72 2.27
N ALA B 101 -7.52 -5.56 1.69
CA ALA B 101 -8.26 -4.35 2.04
C ALA B 101 -9.41 -4.08 1.09
N PHE B 102 -9.19 -4.23 -0.22
CA PHE B 102 -10.23 -4.02 -1.21
C PHE B 102 -9.80 -4.79 -2.46
N LEU B 103 -10.42 -4.51 -3.59
CA LEU B 103 -10.07 -5.18 -4.84
C LEU B 103 -8.64 -4.82 -5.26
N SER B 104 -8.04 -5.72 -6.03
CA SER B 104 -6.66 -5.54 -6.49
C SER B 104 -6.35 -6.49 -7.65
N ARG B 105 -5.87 -5.95 -8.76
CA ARG B 105 -5.46 -6.80 -9.86
C ARG B 105 -4.17 -7.52 -9.52
N PRO B 106 -3.89 -8.66 -10.14
CA PRO B 106 -2.69 -9.41 -9.77
C PRO B 106 -1.44 -8.59 -10.02
N ILE B 107 -0.75 -8.27 -8.93
CA ILE B 107 0.39 -7.37 -9.00
C ILE B 107 1.60 -8.14 -9.48
N ASN B 108 2.20 -7.65 -10.55
CA ASN B 108 3.38 -8.26 -11.15
C ASN B 108 4.60 -7.44 -10.76
N THR B 109 5.77 -8.00 -11.05
CA THR B 109 7.01 -7.28 -10.85
C THR B 109 7.21 -6.26 -11.95
N ILE B 110 8.12 -5.32 -11.72
CA ILE B 110 8.45 -4.35 -12.75
C ILE B 110 8.91 -5.02 -14.02
N PHE B 111 9.48 -6.22 -13.91
CA PHE B 111 9.99 -6.92 -15.09
C PHE B 111 8.87 -7.56 -15.93
N HIS B 112 7.72 -7.86 -15.36
CA HIS B 112 6.61 -8.26 -16.23
C HIS B 112 6.06 -7.05 -16.97
N GLU B 113 5.87 -5.95 -16.25
CA GLU B 113 5.80 -4.68 -16.94
C GLU B 113 7.18 -4.44 -17.53
N PHE B 114 7.37 -3.32 -18.24
CA PHE B 114 8.71 -3.03 -18.72
C PHE B 114 9.21 -4.07 -19.74
N GLY B 115 8.46 -5.12 -19.99
CA GLY B 115 8.75 -6.06 -21.04
C GLY B 115 9.84 -7.08 -20.76
N PHE B 116 10.44 -7.08 -19.58
CA PHE B 116 11.53 -8.01 -19.30
C PHE B 116 11.05 -9.45 -19.48
N ARG B 117 11.89 -10.26 -20.12
CA ARG B 117 11.50 -11.62 -20.48
C ARG B 117 12.68 -12.55 -20.22
N GLY B 118 12.58 -13.78 -20.74
CA GLY B 118 13.58 -14.78 -20.45
C GLY B 118 14.95 -14.43 -21.02
N ASN B 119 14.99 -14.01 -22.28
CA ASN B 119 16.29 -13.77 -22.89
C ASN B 119 16.85 -12.41 -22.48
N HIS B 120 16.79 -12.14 -21.18
CA HIS B 120 17.29 -10.88 -20.63
C HIS B 120 18.06 -11.04 -19.33
N VAL B 121 17.85 -12.11 -18.57
CA VAL B 121 18.67 -12.37 -17.40
C VAL B 121 20.07 -12.78 -17.83
N GLN B 122 20.16 -13.61 -18.87
CA GLN B 122 21.44 -14.17 -19.29
C GLN B 122 22.20 -13.20 -20.20
N ALA B 123 22.22 -11.95 -19.76
CA ALA B 123 22.79 -10.87 -20.55
C ALA B 123 23.75 -10.07 -19.70
N GLN B 124 25.03 -10.14 -20.06
CA GLN B 124 26.01 -9.30 -19.38
C GLN B 124 25.77 -7.83 -19.72
N LEU B 125 26.06 -6.97 -18.76
CA LEU B 125 25.72 -5.56 -18.87
C LEU B 125 26.92 -4.71 -18.49
N GLY B 126 26.90 -3.46 -18.93
CA GLY B 126 27.89 -2.49 -18.54
C GLY B 126 29.16 -2.50 -19.32
N GLN B 127 29.27 -3.35 -20.34
CA GLN B 127 30.54 -3.49 -21.06
C GLN B 127 30.92 -2.21 -21.79
N TYR B 128 29.95 -1.51 -22.38
CA TYR B 128 30.27 -0.31 -23.14
C TYR B 128 30.66 0.83 -22.21
N PRO B 129 31.72 1.57 -22.51
CA PRO B 129 32.17 2.65 -21.62
C PRO B 129 31.31 3.89 -21.80
N TYR B 130 31.55 4.87 -20.92
CA TYR B 130 30.84 6.14 -20.92
C TYR B 130 31.54 7.09 -19.97
N THR B 131 31.58 8.37 -20.34
CA THR B 131 32.22 9.37 -19.53
C THR B 131 31.21 10.37 -18.98
N ALA B 137 26.45 17.12 -14.30
CA ALA B 137 25.77 16.23 -15.24
C ALA B 137 24.48 16.87 -15.71
N SER B 138 23.89 16.30 -16.76
CA SER B 138 22.60 16.74 -17.26
C SER B 138 21.66 15.56 -17.30
N LEU B 139 20.37 15.84 -17.11
CA LEU B 139 19.37 14.78 -17.21
C LEU B 139 19.44 14.11 -18.57
N GLU B 140 19.93 14.84 -19.57
CA GLU B 140 20.07 14.33 -20.92
C GLU B 140 20.84 13.02 -20.95
N GLN B 143 20.95 9.76 -18.16
CA GLN B 143 20.01 8.87 -18.82
C GLN B 143 20.67 8.11 -19.94
N ARG B 144 21.48 8.80 -20.73
CA ARG B 144 22.21 8.12 -21.79
C ARG B 144 23.15 7.08 -21.22
N ARG B 145 23.83 7.42 -20.13
CA ARG B 145 24.76 6.47 -19.52
C ARG B 145 24.03 5.25 -18.98
N ASP B 146 22.81 5.46 -18.48
CA ASP B 146 22.02 4.34 -17.98
C ASP B 146 21.63 3.40 -19.10
N LEU B 147 21.14 3.95 -20.22
CA LEU B 147 20.76 3.11 -21.34
C LEU B 147 21.97 2.43 -21.96
N THR B 148 23.11 3.09 -21.98
CA THR B 148 24.34 2.43 -22.41
C THR B 148 24.65 1.26 -21.48
N TYR B 149 24.51 1.47 -20.17
CA TYR B 149 24.73 0.40 -19.21
C TYR B 149 23.83 -0.79 -19.50
N TYR B 150 22.54 -0.54 -19.60
CA TYR B 150 21.55 -1.60 -19.62
C TYR B 150 21.10 -1.89 -21.04
N TRP B 151 22.05 -1.82 -21.97
CA TRP B 151 21.78 -1.67 -23.40
C TRP B 151 21.33 -2.97 -24.04
N GLU B 152 21.87 -4.10 -23.63
CA GLU B 152 21.43 -5.35 -24.22
C GLU B 152 19.94 -5.53 -24.00
N VAL B 153 19.48 -5.28 -22.77
CA VAL B 153 18.05 -5.39 -22.48
C VAL B 153 17.27 -4.35 -23.27
N ILE B 154 17.72 -3.10 -23.27
CA ILE B 154 16.96 -2.05 -23.92
C ILE B 154 16.83 -2.32 -25.42
N LEU B 155 17.93 -2.72 -26.05
CA LEU B 155 17.93 -3.02 -27.47
C LEU B 155 17.01 -4.19 -27.79
N ASP B 156 17.13 -5.29 -27.05
CA ASP B 156 16.29 -6.44 -27.34
C ASP B 156 14.82 -6.08 -27.14
N LEU B 157 14.52 -5.34 -26.07
CA LEU B 157 13.14 -4.95 -25.79
C LEU B 157 12.58 -4.10 -26.91
N THR B 158 13.36 -3.12 -27.37
CA THR B 158 12.85 -2.25 -28.42
C THR B 158 12.67 -3.00 -29.73
N LYS B 159 13.61 -3.88 -30.08
CA LYS B 159 13.44 -4.65 -31.31
C LYS B 159 12.22 -5.55 -31.23
N ARG B 160 11.98 -6.18 -30.07
CA ARG B 160 10.78 -7.01 -29.93
C ARG B 160 9.51 -6.19 -30.01
N ALA B 161 9.51 -5.00 -29.39
CA ALA B 161 8.29 -4.20 -29.40
C ALA B 161 7.97 -3.69 -30.80
N LEU B 162 8.97 -3.22 -31.53
CA LEU B 162 8.72 -2.77 -32.89
C LEU B 162 8.34 -3.93 -33.81
N ALA B 163 8.96 -5.09 -33.62
CA ALA B 163 8.65 -6.23 -34.49
C ALA B 163 7.23 -6.74 -34.31
N ALA B 164 6.53 -6.32 -33.27
CA ALA B 164 5.18 -6.81 -33.02
C ALA B 164 4.42 -5.88 -32.08
N ARG B 171 0.98 -0.57 -32.19
CA ARG B 171 0.17 -0.99 -33.33
C ARG B 171 -0.98 -0.01 -33.54
N ASN B 172 -2.18 -0.54 -33.78
CA ASN B 172 -3.34 0.27 -34.10
C ASN B 172 -4.52 -0.04 -33.20
N GLU B 173 -4.29 -0.64 -32.03
CA GLU B 173 -5.38 -0.90 -31.09
C GLU B 173 -6.00 0.40 -30.61
N PHE B 174 -5.20 1.43 -30.43
CA PHE B 174 -5.65 2.71 -29.90
C PHE B 174 -5.96 3.74 -30.98
N ARG B 175 -5.10 3.81 -32.01
CA ARG B 175 -5.31 4.80 -33.05
C ARG B 175 -6.61 4.57 -33.79
N ALA B 176 -7.07 3.31 -33.87
CA ALA B 176 -8.32 3.05 -34.57
C ALA B 176 -9.50 3.72 -33.89
N LEU B 177 -9.57 3.61 -32.57
CA LEU B 177 -10.65 4.26 -31.84
C LEU B 177 -10.54 5.77 -31.94
N ALA B 178 -9.31 6.29 -31.92
CA ALA B 178 -9.15 7.73 -32.08
C ALA B 178 -9.63 8.18 -33.45
N ALA B 179 -9.38 7.40 -34.50
CA ALA B 179 -9.88 7.75 -35.82
C ALA B 179 -11.40 7.72 -35.85
N LEU B 180 -11.99 6.68 -35.25
CA LEU B 180 -13.45 6.58 -35.25
C LEU B 180 -14.08 7.73 -34.49
N GLU B 181 -13.42 8.22 -33.45
CA GLU B 181 -13.93 9.42 -32.77
C GLU B 181 -13.66 10.67 -33.57
N ARG B 182 -12.58 10.69 -34.35
CA ARG B 182 -12.35 11.80 -35.26
C ARG B 182 -13.42 11.88 -36.32
N THR B 183 -14.07 10.77 -36.64
CA THR B 183 -15.24 10.82 -37.50
C THR B 183 -16.32 11.64 -36.80
N LEU B 184 -16.76 11.19 -35.64
CA LEU B 184 -17.68 11.97 -34.82
C LEU B 184 -16.96 13.13 -34.18
N GLY B 189 -12.38 12.84 -26.80
CA GLY B 189 -11.57 11.64 -26.81
C GLY B 189 -12.02 10.60 -25.81
N ALA B 190 -12.99 9.78 -26.22
CA ALA B 190 -13.66 8.86 -25.30
C ALA B 190 -13.38 7.40 -25.61
N LEU B 191 -13.65 6.94 -26.83
CA LEU B 191 -13.49 5.53 -27.15
C LEU B 191 -12.06 5.05 -26.96
N THR B 192 -11.09 5.96 -26.96
CA THR B 192 -9.72 5.56 -26.69
C THR B 192 -9.59 4.99 -25.29
N ARG B 193 -10.30 5.56 -24.32
CA ARG B 193 -10.20 5.09 -22.94
C ARG B 193 -10.75 3.70 -22.76
N LEU B 194 -11.61 3.23 -23.67
CA LEU B 194 -12.21 1.91 -23.56
C LEU B 194 -11.39 0.83 -24.22
N ALA B 195 -10.27 1.17 -24.83
CA ALA B 195 -9.38 0.19 -25.44
C ALA B 195 -8.83 -0.84 -24.45
N PRO B 196 -8.41 -0.45 -23.25
CA PRO B 196 -8.02 -1.48 -22.28
C PRO B 196 -9.13 -2.46 -21.95
N ALA B 197 -10.37 -1.98 -21.83
CA ALA B 197 -11.46 -2.90 -21.52
C ALA B 197 -11.66 -3.91 -22.62
N THR B 198 -11.40 -3.53 -23.86
CA THR B 198 -11.69 -4.40 -24.99
C THR B 198 -10.56 -5.39 -25.24
N HIS B 199 -9.31 -4.94 -25.18
CA HIS B 199 -8.17 -5.79 -25.46
C HIS B 199 -7.53 -6.26 -24.16
N GLY B 200 -7.20 -7.54 -24.11
CA GLY B 200 -6.67 -8.16 -22.91
C GLY B 200 -5.18 -8.38 -22.89
N ALA B 201 -4.44 -7.76 -23.81
CA ALA B 201 -3.00 -7.92 -23.85
C ALA B 201 -2.22 -6.64 -23.64
N LEU B 202 -2.84 -5.47 -23.81
CA LEU B 202 -2.10 -4.22 -23.76
C LEU B 202 -1.52 -4.01 -22.36
N PRO B 203 -0.23 -3.70 -22.25
CA PRO B 203 0.41 -3.68 -20.94
C PRO B 203 -0.18 -2.61 -20.03
N ALA B 204 0.13 -2.73 -18.75
CA ALA B 204 -0.45 -1.82 -17.76
C ALA B 204 0.19 -0.45 -17.84
N PHE B 205 1.39 -0.34 -18.41
CA PHE B 205 1.94 0.98 -18.68
C PHE B 205 1.09 1.76 -19.66
N THR B 206 0.20 1.09 -20.39
CA THR B 206 -0.62 1.76 -21.37
C THR B 206 -1.81 2.46 -20.74
N ARG B 207 -2.15 2.15 -19.48
CA ARG B 207 -3.38 2.66 -18.89
C ARG B 207 -3.18 3.74 -17.84
N SER B 208 -2.02 3.84 -17.21
CA SER B 208 -1.83 4.94 -16.26
C SER B 208 -0.38 5.36 -16.24
N ASN B 209 -0.17 6.61 -15.84
CA ASN B 209 1.17 7.19 -15.70
C ASN B 209 1.69 7.10 -14.28
N VAL B 210 0.88 6.68 -13.32
CA VAL B 210 1.31 6.50 -11.95
C VAL B 210 1.72 5.05 -11.78
N ILE B 211 3.01 4.83 -11.57
CA ILE B 211 3.57 3.49 -11.43
C ILE B 211 4.21 3.43 -10.06
N VAL B 212 3.65 2.61 -9.17
CA VAL B 212 4.15 2.49 -7.82
C VAL B 212 5.05 1.27 -7.74
N ILE B 213 6.29 1.48 -7.32
CA ILE B 213 7.29 0.43 -7.21
C ILE B 213 7.55 0.19 -5.73
N ASP B 214 7.15 -0.99 -5.24
CA ASP B 214 7.39 -1.35 -3.86
C ASP B 214 8.84 -1.81 -3.69
N GLU B 215 9.46 -1.35 -2.60
CA GLU B 215 10.82 -1.76 -2.23
C GLU B 215 11.78 -1.52 -3.40
N ALA B 216 11.95 -0.25 -3.73
CA ALA B 216 12.72 0.13 -4.90
C ALA B 216 14.22 -0.01 -4.69
N GLY B 217 14.67 -0.23 -3.46
CA GLY B 217 16.08 -0.43 -3.22
C GLY B 217 16.63 -1.70 -3.84
N LEU B 218 15.78 -2.67 -4.11
CA LEU B 218 16.19 -3.92 -4.73
C LEU B 218 16.38 -3.80 -6.23
N LEU B 219 16.49 -2.58 -6.76
CA LEU B 219 16.63 -2.36 -8.18
C LEU B 219 17.93 -1.60 -8.45
N GLY B 220 18.45 -1.76 -9.66
CA GLY B 220 19.61 -1.01 -10.06
C GLY B 220 19.28 0.43 -10.41
N ARG B 221 20.23 1.31 -10.14
CA ARG B 221 20.09 2.74 -10.42
C ARG B 221 19.84 3.02 -11.89
N HIS B 222 20.21 2.09 -12.76
CA HIS B 222 19.92 2.19 -14.18
C HIS B 222 18.48 1.84 -14.52
N LEU B 223 17.79 1.13 -13.62
CA LEU B 223 16.48 0.60 -13.93
C LEU B 223 15.41 1.68 -13.88
N LEU B 224 15.65 2.78 -13.17
CA LEU B 224 14.76 3.93 -13.23
C LEU B 224 14.64 4.47 -14.65
N THR B 225 15.78 4.75 -15.27
CA THR B 225 15.79 5.26 -16.63
C THR B 225 15.17 4.28 -17.58
N ALA B 226 15.43 3.00 -17.38
CA ALA B 226 14.86 1.97 -18.23
C ALA B 226 13.34 1.93 -18.11
N VAL B 227 12.82 2.06 -16.90
CA VAL B 227 11.38 2.06 -16.72
C VAL B 227 10.76 3.28 -17.40
N VAL B 228 11.36 4.45 -17.22
CA VAL B 228 10.84 5.65 -17.89
C VAL B 228 10.86 5.46 -19.40
N TYR B 229 11.97 4.95 -19.92
CA TYR B 229 12.13 4.67 -21.33
C TYR B 229 11.03 3.76 -21.86
N CYS B 230 10.91 2.57 -21.29
CA CYS B 230 9.94 1.62 -21.82
C CYS B 230 8.52 2.10 -21.63
N TRP B 231 8.26 2.93 -20.62
CA TRP B 231 6.91 3.49 -20.50
C TRP B 231 6.61 4.42 -21.66
N TRP B 232 7.55 5.33 -21.97
CA TRP B 232 7.36 6.18 -23.13
C TRP B 232 7.27 5.37 -24.41
N MET B 233 8.05 4.29 -24.51
CA MET B 233 8.06 3.47 -25.70
C MET B 233 6.72 2.81 -25.94
N ILE B 234 6.13 2.22 -24.90
CA ILE B 234 4.82 1.62 -25.08
C ILE B 234 3.78 2.67 -25.38
N ASN B 235 3.82 3.79 -24.65
CA ASN B 235 2.86 4.85 -24.88
C ASN B 235 2.96 5.45 -26.27
N ALA B 236 4.12 5.35 -26.92
CA ALA B 236 4.30 5.85 -28.28
C ALA B 236 3.92 4.81 -29.32
N LEU B 237 4.44 3.59 -29.17
CA LEU B 237 4.12 2.51 -30.08
C LEU B 237 2.63 2.20 -30.10
N TYR B 238 1.91 2.54 -29.04
CA TYR B 238 0.48 2.30 -29.01
C TYR B 238 -0.34 3.58 -29.17
N HIS B 239 0.27 4.74 -29.05
CA HIS B 239 -0.41 6.04 -29.07
C HIS B 239 -1.61 6.04 -28.13
N THR B 240 -1.35 5.60 -26.90
CA THR B 240 -2.34 5.57 -25.84
C THR B 240 -2.78 7.00 -25.50
N PRO B 241 -3.99 7.17 -24.96
CA PRO B 241 -4.50 8.54 -24.77
C PRO B 241 -3.66 9.39 -23.84
N GLN B 242 -3.02 8.82 -22.83
CA GLN B 242 -2.15 9.62 -21.99
C GLN B 242 -0.98 10.17 -22.79
N TYR B 243 -0.48 9.39 -23.74
CA TYR B 243 0.53 9.90 -24.68
C TYR B 243 -0.01 11.08 -25.45
N ALA B 244 -1.23 10.96 -25.96
CA ALA B 244 -1.86 12.07 -26.67
C ALA B 244 -2.15 13.25 -25.76
N ALA B 245 -2.24 13.02 -24.46
CA ALA B 245 -2.51 14.11 -23.54
C ALA B 245 -1.24 14.82 -23.07
N ARG B 246 -0.08 14.44 -23.63
CA ARG B 246 1.20 14.96 -23.16
C ARG B 246 1.36 14.70 -21.67
N LEU B 247 1.07 13.47 -21.27
CA LEU B 247 1.13 13.07 -19.88
C LEU B 247 2.43 12.32 -19.62
N ARG B 248 2.99 12.52 -18.43
CA ARG B 248 4.34 12.06 -18.17
C ARG B 248 4.37 10.99 -17.09
N PRO B 249 5.37 10.11 -17.11
CA PRO B 249 5.46 9.06 -16.08
C PRO B 249 5.60 9.65 -14.69
N VAL B 250 4.96 9.01 -13.73
CA VAL B 250 5.04 9.40 -12.32
C VAL B 250 5.34 8.12 -11.54
N LEU B 251 6.61 7.90 -11.24
CA LEU B 251 7.02 6.74 -10.47
C LEU B 251 6.96 7.07 -8.98
N VAL B 252 6.19 6.29 -8.23
CA VAL B 252 6.16 6.39 -6.78
C VAL B 252 7.03 5.26 -6.26
N CYS B 253 8.26 5.58 -5.89
CA CYS B 253 9.23 4.57 -5.47
C CYS B 253 9.17 4.43 -3.96
N VAL B 254 8.42 3.45 -3.49
CA VAL B 254 8.33 3.13 -2.07
C VAL B 254 9.41 2.13 -1.74
N GLY B 255 10.18 2.39 -0.69
CA GLY B 255 11.24 1.46 -0.32
C GLY B 255 11.97 1.95 0.91
N SER B 256 12.96 1.17 1.31
CA SER B 256 13.82 1.51 2.43
C SER B 256 15.21 1.78 1.91
N PRO B 257 15.72 3.01 2.04
CA PRO B 257 17.06 3.28 1.49
C PRO B 257 18.18 2.68 2.31
N THR B 258 18.11 2.79 3.63
CA THR B 258 19.20 2.37 4.51
C THR B 258 19.28 0.86 4.66
N GLN B 259 18.13 0.19 4.74
CA GLN B 259 18.12 -1.24 4.91
C GLN B 259 18.23 -2.01 3.61
N THR B 260 18.16 -1.35 2.47
CA THR B 260 18.18 -2.05 1.20
C THR B 260 19.36 -1.58 0.34
N ALA B 261 19.94 -2.52 -0.40
CA ALA B 261 21.07 -2.22 -1.26
C ALA B 261 20.89 -2.87 -2.64
N SER B 279 26.60 -1.47 -5.97
CA SER B 279 26.12 -0.65 -7.07
C SER B 279 25.58 0.67 -6.55
N GLU B 280 24.32 0.96 -6.88
CA GLU B 280 23.64 2.11 -6.32
C GLU B 280 22.14 1.91 -6.46
N ASN B 281 21.40 2.27 -5.41
CA ASN B 281 19.96 2.02 -5.38
C ASN B 281 19.23 3.08 -6.18
N VAL B 282 18.08 2.69 -6.74
CA VAL B 282 17.18 3.67 -7.33
C VAL B 282 16.84 4.74 -6.31
N LEU B 283 16.49 4.32 -5.09
CA LEU B 283 16.19 5.28 -4.03
C LEU B 283 17.42 6.12 -3.72
N THR B 284 18.58 5.47 -3.64
CA THR B 284 19.82 6.22 -3.44
C THR B 284 20.13 7.09 -4.65
N TYR B 285 19.88 6.58 -5.85
CA TYR B 285 20.11 7.37 -7.06
C TYR B 285 19.32 8.66 -7.01
N LEU B 286 18.07 8.58 -6.53
CA LEU B 286 17.23 9.76 -6.44
C LEU B 286 17.62 10.66 -5.29
N ILE B 287 17.99 10.11 -4.14
CA ILE B 287 18.31 10.94 -2.99
C ILE B 287 19.65 11.63 -3.13
N CYS B 288 20.59 11.06 -3.89
CA CYS B 288 21.96 11.55 -3.92
C CYS B 288 22.29 12.38 -5.15
N ASN B 289 22.01 11.89 -6.35
CA ASN B 289 22.38 12.60 -7.56
C ASN B 289 21.73 13.98 -7.59
N ARG B 290 22.57 15.01 -7.68
CA ARG B 290 22.09 16.36 -7.46
C ARG B 290 21.21 16.86 -8.59
N THR B 291 21.48 16.46 -9.83
CA THR B 291 20.61 16.88 -10.92
C THR B 291 19.31 16.09 -10.94
N LEU B 292 19.33 14.83 -10.51
CA LEU B 292 18.07 14.10 -10.33
C LEU B 292 17.33 14.54 -9.09
N ARG B 293 18.03 15.01 -8.07
CA ARG B 293 17.41 15.56 -6.88
C ARG B 293 16.82 16.95 -7.12
N GLU B 294 17.19 17.62 -8.21
CA GLU B 294 16.62 18.91 -8.53
C GLU B 294 15.64 18.89 -9.68
N TYR B 295 15.80 17.97 -10.63
CA TYR B 295 14.75 17.76 -11.62
C TYR B 295 13.51 17.17 -10.97
N ALA B 296 13.69 16.23 -10.05
CA ALA B 296 12.54 15.66 -9.36
C ALA B 296 11.94 16.61 -8.34
N ARG B 297 12.71 17.61 -7.91
CA ARG B 297 12.27 18.55 -6.88
C ARG B 297 11.81 17.81 -5.64
N LEU B 298 12.67 16.93 -5.14
CA LEU B 298 12.25 15.99 -4.11
C LEU B 298 11.72 16.70 -2.86
N SER B 299 12.44 17.72 -2.39
CA SER B 299 12.09 18.37 -1.13
C SER B 299 10.60 18.71 -1.07
N TYR B 300 10.01 18.98 -2.22
CA TYR B 300 8.58 19.24 -2.32
C TYR B 300 7.78 17.98 -2.60
N SER B 301 8.44 16.85 -2.83
CA SER B 301 7.77 15.63 -3.27
C SER B 301 8.33 14.42 -2.55
N TRP B 302 8.46 14.48 -1.22
CA TRP B 302 8.97 13.34 -0.47
C TRP B 302 8.32 13.22 0.89
N ALA B 303 8.00 11.98 1.25
CA ALA B 303 7.42 11.62 2.54
C ALA B 303 8.34 10.64 3.25
N ILE B 304 8.49 10.81 4.55
CA ILE B 304 9.35 9.97 5.37
C ILE B 304 8.52 9.36 6.49
N PHE B 305 8.60 8.04 6.62
CA PHE B 305 7.87 7.27 7.63
C PHE B 305 8.80 6.98 8.79
N ILE B 306 8.50 7.56 9.95
CA ILE B 306 9.47 7.59 11.05
C ILE B 306 9.22 6.49 12.07
N ASN B 307 8.06 5.85 12.04
CA ASN B 307 7.64 4.97 13.12
C ASN B 307 8.07 3.54 12.86
N ASN B 308 7.96 2.72 13.90
CA ASN B 308 8.18 1.27 13.77
C ASN B 308 7.16 0.59 14.69
N LYS B 309 6.02 0.21 14.11
CA LYS B 309 5.00 -0.48 14.90
C LYS B 309 5.43 -1.87 15.32
N ARG B 310 6.53 -2.37 14.77
CA ARG B 310 6.96 -3.73 15.08
C ARG B 310 7.61 -3.81 16.45
N CYS B 311 8.71 -3.10 16.65
CA CYS B 311 9.46 -3.19 17.90
C CYS B 311 8.71 -2.51 19.03
N VAL B 312 8.73 -3.15 20.20
CA VAL B 312 8.00 -2.69 21.37
C VAL B 312 8.91 -2.34 22.53
N GLU B 313 10.20 -2.67 22.44
CA GLU B 313 11.15 -2.40 23.50
C GLU B 313 11.95 -1.13 23.19
N HIS B 314 12.17 -0.31 24.22
CA HIS B 314 12.67 1.04 24.01
C HIS B 314 14.13 1.03 23.55
N GLU B 315 14.98 0.28 24.23
CA GLU B 315 16.42 0.34 23.95
C GLU B 315 16.72 -0.20 22.56
N PHE B 316 16.04 -1.27 22.15
CA PHE B 316 16.18 -1.75 20.79
C PHE B 316 15.77 -0.68 19.78
N GLY B 317 14.68 0.03 20.08
CA GLY B 317 14.25 1.09 19.19
C GLY B 317 15.29 2.19 19.08
N ASN B 318 15.89 2.58 20.19
CA ASN B 318 16.91 3.62 20.14
C ASN B 318 18.12 3.16 19.35
N LEU B 319 18.53 1.91 19.53
CA LEU B 319 19.63 1.39 18.74
C LEU B 319 19.33 1.43 17.25
N MET B 320 18.13 0.99 16.90
CA MET B 320 17.78 0.93 15.47
C MET B 320 17.67 2.36 14.96
N LYS B 321 17.18 3.27 15.79
CA LYS B 321 17.02 4.68 15.38
C LYS B 321 18.40 5.25 15.13
N VAL B 322 19.41 4.70 15.79
CA VAL B 322 20.78 5.27 15.66
C VAL B 322 21.39 4.70 14.40
N LEU B 323 21.20 3.41 14.22
CA LEU B 323 21.74 2.74 13.04
C LEU B 323 21.19 3.35 11.76
N GLU B 324 20.59 3.73 11.78
CA GLU B 324 20.03 4.25 10.54
C GLU B 324 20.43 5.70 10.32
N TYR B 325 19.75 6.37 11.28
CA TYR B 325 19.94 7.80 11.12
C TYR B 325 21.38 8.24 11.37
N GLY B 326 22.31 7.30 11.49
CA GLY B 326 23.73 7.62 11.54
C GLY B 326 24.15 8.45 12.73
N LEU B 327 23.50 8.26 13.86
CA LEU B 327 23.85 8.98 15.07
C LEU B 327 25.14 8.40 15.63
N PRO B 328 25.84 9.15 16.49
CA PRO B 328 27.09 8.63 17.05
C PRO B 328 26.87 7.38 17.89
N ILE B 329 27.84 6.47 17.84
CA ILE B 329 27.79 5.24 18.60
C ILE B 329 28.43 5.47 19.95
N THR B 330 27.70 5.14 21.01
CA THR B 330 28.14 5.40 22.38
C THR B 330 28.28 4.09 23.14
N GLU B 331 29.13 4.12 24.16
CA GLU B 331 29.23 3.00 25.09
C GLU B 331 27.87 2.69 25.70
N GLU B 332 27.01 3.70 25.83
CA GLU B 332 25.65 3.47 26.32
C GLU B 332 24.82 2.67 25.32
N HIS B 333 25.06 2.86 24.02
CA HIS B 333 24.39 2.03 23.03
C HIS B 333 25.01 0.66 22.95
N MET B 334 26.30 0.56 23.24
CA MET B 334 26.88 -0.68 23.70
C MET B 334 26.25 -1.01 25.06
N GLN B 335 26.63 -2.15 25.63
CA GLN B 335 26.14 -2.57 26.94
C GLN B 335 24.67 -2.95 26.87
N PHE B 336 24.03 -2.67 25.73
CA PHE B 336 22.73 -3.23 25.41
C PHE B 336 22.81 -4.20 24.26
N VAL B 337 23.61 -3.88 23.25
CA VAL B 337 23.98 -4.90 22.28
C VAL B 337 24.80 -5.99 22.93
N ASP B 338 25.45 -5.68 24.07
CA ASP B 338 26.06 -6.74 24.86
C ASP B 338 25.01 -7.69 25.40
N ARG B 339 23.91 -7.15 25.91
CA ARG B 339 22.82 -7.96 26.45
C ARG B 339 22.28 -8.93 25.42
N ILE B 347 26.81 -20.89 18.22
CA ILE B 347 25.75 -20.66 17.24
C ILE B 347 25.99 -21.49 16.01
N THR B 348 27.22 -21.50 15.53
CA THR B 348 27.60 -22.36 14.43
C THR B 348 27.28 -23.82 14.76
N ASN B 349 27.35 -24.17 16.04
CA ASN B 349 26.96 -25.50 16.48
C ASN B 349 25.45 -25.63 16.35
N PRO B 350 24.97 -26.59 15.60
CA PRO B 350 23.52 -26.73 15.42
C PRO B 350 22.85 -27.38 16.61
N ALA B 351 23.56 -27.46 17.73
CA ALA B 351 23.02 -28.16 18.89
C ALA B 351 21.72 -27.51 19.39
N ASN B 352 21.81 -26.27 19.87
CA ASN B 352 20.69 -25.70 20.63
C ASN B 352 20.39 -24.27 20.17
N LEU B 353 19.53 -24.15 19.16
CA LEU B 353 18.54 -23.10 18.91
C LEU B 353 17.61 -23.60 17.82
N PRO B 354 16.77 -24.58 18.11
CA PRO B 354 15.89 -25.12 17.07
C PRO B 354 14.86 -24.09 16.66
N GLY B 355 14.56 -24.06 15.37
CA GLY B 355 13.65 -23.03 14.87
C GLY B 355 14.25 -21.64 15.01
N TRP B 356 15.54 -21.50 14.72
CA TRP B 356 16.21 -20.22 14.66
C TRP B 356 17.04 -20.18 13.39
N THR B 357 16.94 -19.08 12.65
CA THR B 357 17.62 -18.96 11.36
C THR B 357 19.00 -18.36 11.55
N ARG B 358 20.02 -19.06 11.11
CA ARG B 358 21.38 -18.56 11.25
C ARG B 358 21.74 -17.78 9.99
N LEU B 359 21.94 -16.47 10.16
CA LEU B 359 22.22 -15.55 9.07
C LEU B 359 23.74 -15.42 8.95
N PHE B 360 24.29 -15.93 7.87
CA PHE B 360 25.72 -15.78 7.61
C PHE B 360 25.95 -14.77 6.51
N SER B 362 30.69 -15.74 3.66
CA SER B 362 29.33 -15.22 3.54
C SER B 362 28.40 -16.25 2.92
N HIS B 363 28.74 -16.67 1.71
CA HIS B 363 27.82 -17.51 0.95
C HIS B 363 28.04 -18.98 1.27
N LYS B 364 29.30 -19.39 1.46
CA LYS B 364 29.62 -20.79 1.70
C LYS B 364 29.28 -21.21 3.12
N GLU B 365 29.46 -20.31 4.10
CA GLU B 365 29.21 -20.67 5.50
C GLU B 365 27.82 -21.22 5.69
N VAL B 366 26.85 -20.68 4.96
CA VAL B 366 25.50 -21.22 4.96
C VAL B 366 25.53 -22.68 4.53
N SER B 367 26.27 -22.96 3.46
CA SER B 367 26.36 -24.33 2.97
C SER B 367 26.95 -25.25 4.03
N ALA B 368 28.03 -24.81 4.67
CA ALA B 368 28.67 -25.63 5.69
C ALA B 368 27.72 -25.92 6.84
N TYR B 369 27.03 -24.88 7.31
CA TYR B 369 26.10 -25.05 8.43
C TYR B 369 24.99 -26.02 8.09
N MET B 370 24.32 -25.80 6.97
CA MET B 370 23.22 -26.69 6.60
C MET B 370 23.71 -28.11 6.38
N ALA B 371 24.87 -28.26 5.73
CA ALA B 371 25.42 -29.58 5.50
C ALA B 371 25.63 -30.30 6.82
N LYS B 372 26.23 -29.63 7.80
CA LYS B 372 26.48 -30.29 9.07
C LYS B 372 25.17 -30.56 9.80
N LEU B 373 24.19 -29.69 9.64
CA LEU B 373 22.86 -29.93 10.20
C LEU B 373 22.35 -31.29 9.72
N HIS B 374 22.26 -31.45 8.41
CA HIS B 374 21.80 -32.72 7.87
C HIS B 374 22.71 -33.87 8.28
N ALA B 375 24.01 -33.64 8.35
CA ALA B 375 24.97 -34.69 8.62
C ALA B 375 24.85 -35.23 10.03
N TYR B 376 24.47 -34.39 11.01
CA TYR B 376 24.37 -34.91 12.37
C TYR B 376 22.95 -35.33 12.71
N LEU B 377 21.94 -34.75 12.06
CA LEU B 377 20.58 -35.21 12.34
C LEU B 377 20.37 -36.65 11.92
N LYS B 378 21.27 -37.21 11.12
CA LYS B 378 21.25 -38.64 10.85
C LYS B 378 21.25 -39.41 12.14
N VAL B 379 22.20 -39.11 13.02
CA VAL B 379 22.22 -39.69 14.35
C VAL B 379 21.51 -38.77 15.34
N THR B 380 20.19 -38.84 15.38
CA THR B 380 19.38 -38.06 16.31
C THR B 380 18.11 -38.78 16.68
N VAL B 386 11.46 -36.63 14.39
CA VAL B 386 11.10 -35.25 14.07
C VAL B 386 11.39 -34.96 12.60
N VAL B 387 12.59 -35.34 12.17
CA VAL B 387 13.08 -35.03 10.82
C VAL B 387 13.72 -36.28 10.24
N PHE B 388 14.22 -36.13 9.01
CA PHE B 388 14.99 -37.18 8.34
C PHE B 388 15.81 -36.49 7.27
N THR B 389 16.48 -37.25 6.42
CA THR B 389 17.29 -36.67 5.36
C THR B 389 17.13 -37.45 4.07
N LEU B 390 16.85 -36.73 2.99
CA LEU B 390 16.82 -37.33 1.66
C LEU B 390 18.23 -37.68 1.21
N GLN B 433 18.22 -25.45 -5.93
CA GLN B 433 19.66 -25.68 -5.94
C GLN B 433 20.39 -24.56 -5.23
N ASP B 434 19.62 -23.61 -4.71
CA ASP B 434 20.20 -22.42 -4.09
C ASP B 434 20.94 -22.80 -2.80
N GLN B 435 20.74 -24.03 -2.34
CA GLN B 435 21.43 -24.56 -1.16
C GLN B 435 22.41 -25.65 -1.57
N ASP B 436 23.03 -26.32 -0.59
CA ASP B 436 24.17 -27.19 -0.85
C ASP B 436 23.86 -28.65 -0.55
N ALA B 437 24.17 -29.52 -1.50
CA ALA B 437 24.00 -30.95 -1.34
C ALA B 437 25.32 -31.69 -1.57
N THR B 458 18.76 -33.82 -0.50
CA THR B 458 19.24 -33.67 0.86
C THR B 458 18.38 -32.65 1.60
N TYR B 459 17.18 -33.07 1.98
CA TYR B 459 16.18 -32.17 2.53
C TYR B 459 15.75 -32.65 3.90
N VAL B 460 15.61 -31.72 4.83
CA VAL B 460 15.15 -32.03 6.17
C VAL B 460 13.63 -31.99 6.20
N LEU B 461 13.01 -32.86 7.00
CA LEU B 461 11.56 -32.95 7.07
C LEU B 461 10.94 -32.05 8.12
N ASN B 462 11.57 -30.92 8.43
CA ASN B 462 11.08 -29.97 9.42
C ASN B 462 10.74 -30.64 10.75
N THR B 692 4.54 -27.10 4.07
CA THR B 692 5.40 -27.81 5.00
C THR B 692 6.21 -28.87 4.27
N LEU B 693 7.52 -28.89 4.53
CA LEU B 693 8.42 -29.84 3.86
C LEU B 693 8.58 -31.05 4.76
N MET B 694 7.62 -31.96 4.68
CA MET B 694 7.68 -33.20 5.45
C MET B 694 7.41 -34.40 4.55
N GLY B 695 6.50 -34.24 3.59
CA GLY B 695 6.05 -35.37 2.80
C GLY B 695 6.70 -35.47 1.44
N TYR B 696 6.86 -36.68 0.95
CA TYR B 696 7.69 -36.95 -0.20
C TYR B 696 7.02 -38.03 -1.04
N THR B 697 7.48 -38.15 -2.29
CA THR B 697 7.07 -39.24 -3.17
C THR B 697 7.92 -39.26 -4.43
N PRO B 727 7.57 -36.98 -8.10
CA PRO B 727 8.08 -36.80 -6.74
C PRO B 727 7.60 -35.49 -6.12
N TYR B 728 6.29 -35.31 -6.04
CA TYR B 728 5.72 -34.03 -5.64
C TYR B 728 5.90 -33.83 -4.14
N VAL B 729 7.16 -33.63 -3.73
CA VAL B 729 7.49 -33.54 -2.32
C VAL B 729 6.77 -32.38 -1.66
N VAL B 730 6.18 -32.64 -0.49
CA VAL B 730 5.59 -31.61 0.34
C VAL B 730 5.93 -31.90 1.80
N VAL B 740 3.67 -28.01 -6.24
CA VAL B 740 4.80 -28.93 -6.10
C VAL B 740 4.91 -29.83 -7.32
N VAL B 741 5.63 -29.34 -8.33
CA VAL B 741 5.69 -29.99 -9.62
C VAL B 741 7.08 -30.49 -9.97
N ASN B 742 8.12 -29.75 -9.63
CA ASN B 742 9.49 -30.08 -10.01
C ASN B 742 9.65 -30.14 -11.53
N TYR B 765 12.42 -30.00 -7.94
CA TYR B 765 12.37 -29.98 -6.48
C TYR B 765 13.21 -28.85 -5.88
N GLY B 766 13.14 -27.69 -6.52
CA GLY B 766 13.74 -26.48 -5.98
C GLY B 766 12.82 -25.84 -4.95
N ILE B 767 13.29 -25.66 -3.72
CA ILE B 767 12.40 -25.38 -2.60
C ILE B 767 12.91 -24.23 -1.74
N SER B 768 12.22 -23.97 -0.65
CA SER B 768 12.60 -22.94 0.31
C SER B 768 12.75 -23.56 1.69
N SER B 769 13.88 -23.31 2.35
CA SER B 769 14.16 -23.90 3.65
C SER B 769 13.87 -22.94 4.80
N LYS B 770 14.30 -21.68 4.65
CA LYS B 770 14.22 -20.68 5.71
C LYS B 770 14.99 -21.10 6.95
N LEU B 771 16.02 -21.93 6.76
CA LEU B 771 16.87 -22.35 7.86
C LEU B 771 18.15 -21.53 7.93
N ALA B 772 18.95 -21.53 6.88
CA ALA B 772 20.17 -20.74 6.84
C ALA B 772 20.20 -20.01 5.51
N MET B 773 20.43 -18.70 5.56
CA MET B 773 20.24 -17.85 4.40
C MET B 773 20.94 -16.53 4.66
N THR B 774 21.63 -16.03 3.64
CA THR B 774 22.68 -15.05 3.87
C THR B 774 22.11 -13.69 4.26
N ILE B 775 23.00 -12.81 4.71
CA ILE B 775 22.59 -11.48 5.14
C ILE B 775 21.97 -10.72 3.97
N THR B 776 22.61 -10.79 2.80
CA THR B 776 22.08 -10.09 1.64
C THR B 776 20.69 -10.60 1.28
N ARG B 777 20.49 -11.91 1.34
CA ARG B 777 19.18 -12.45 1.05
C ARG B 777 18.21 -12.21 2.19
N SER B 778 18.71 -11.92 3.39
CA SER B 778 17.84 -11.65 4.53
C SER B 778 17.04 -10.37 4.35
N GLN B 779 17.41 -9.51 3.41
CA GLN B 779 16.70 -8.26 3.25
C GLN B 779 15.29 -8.51 2.72
N GLY B 780 14.33 -7.73 3.22
CA GLY B 780 12.96 -7.86 2.78
C GLY B 780 12.22 -8.96 3.52
N LEU B 781 12.83 -10.13 3.61
CA LEU B 781 12.23 -11.21 4.37
C LEU B 781 12.25 -10.88 5.85
N SER B 782 11.07 -10.78 6.45
CA SER B 782 10.93 -10.47 7.87
C SER B 782 10.78 -11.77 8.63
N LEU B 783 11.58 -11.92 9.68
CA LEU B 783 11.67 -13.18 10.40
C LEU B 783 11.33 -12.98 11.87
N ASP B 784 11.40 -14.07 12.63
CA ASP B 784 11.19 -14.02 14.06
C ASP B 784 12.15 -14.91 14.82
N LYS B 785 13.14 -15.49 14.14
CA LYS B 785 13.93 -16.61 14.64
C LYS B 785 15.40 -16.41 14.26
N VAL B 786 15.91 -15.19 14.48
CA VAL B 786 17.20 -14.72 13.99
C VAL B 786 18.34 -15.17 14.91
N ALA B 787 19.49 -15.46 14.29
CA ALA B 787 20.73 -15.73 15.01
C ALA B 787 21.86 -15.46 14.03
N ILE B 788 22.66 -14.44 14.29
CA ILE B 788 23.56 -13.88 13.29
C ILE B 788 24.94 -14.49 13.47
N CYS B 789 25.73 -14.51 12.40
CA CYS B 789 27.10 -15.03 12.46
C CYS B 789 28.07 -14.11 11.71
N PHE B 790 28.05 -12.82 12.05
CA PHE B 790 29.01 -11.87 11.49
C PHE B 790 30.42 -12.44 11.49
N THR B 791 31.14 -12.20 10.41
CA THR B 791 32.58 -12.44 10.36
C THR B 791 33.32 -11.11 10.35
N PRO B 792 34.32 -10.94 11.22
CA PRO B 792 35.05 -9.68 11.25
C PRO B 792 36.02 -9.56 10.08
N GLY B 793 36.49 -8.34 9.87
CA GLY B 793 37.36 -8.02 8.77
C GLY B 793 36.64 -7.54 7.53
N ASN B 794 35.35 -7.84 7.42
CA ASN B 794 34.50 -7.33 6.37
C ASN B 794 33.14 -6.96 6.96
N LEU B 795 33.17 -6.30 8.11
CA LEU B 795 31.96 -5.99 8.85
C LEU B 795 31.55 -4.55 8.58
N ARG B 796 30.32 -4.36 8.10
CA ARG B 796 29.78 -3.06 7.77
C ARG B 796 28.47 -2.87 8.51
N LEU B 797 28.27 -1.70 9.11
CA LEU B 797 27.06 -1.49 9.89
C LEU B 797 25.81 -1.51 9.03
N ASN B 798 25.94 -1.42 7.71
CA ASN B 798 24.78 -1.68 6.88
C ASN B 798 24.33 -3.13 7.08
N SER B 799 25.27 -4.06 7.09
CA SER B 799 24.93 -5.46 7.30
C SER B 799 24.39 -5.68 8.70
N ALA B 800 24.98 -5.03 9.70
CA ALA B 800 24.49 -5.20 11.08
C ALA B 800 23.09 -4.65 11.23
N TYR B 801 22.84 -3.45 10.69
CA TYR B 801 21.53 -2.85 10.76
C TYR B 801 20.49 -3.70 10.06
N VAL B 802 20.84 -4.25 8.90
CA VAL B 802 19.94 -5.20 8.26
C VAL B 802 19.68 -6.37 9.20
N ALA B 803 20.74 -7.11 9.53
CA ALA B 803 20.59 -8.41 10.20
C ALA B 803 19.83 -8.29 11.51
N MET B 804 20.03 -7.21 12.25
CA MET B 804 19.35 -7.09 13.53
C MET B 804 17.91 -6.63 13.40
N SER B 805 17.44 -6.34 12.20
CA SER B 805 16.13 -5.71 12.01
C SER B 805 15.15 -6.61 11.29
N ARG B 806 15.42 -7.90 11.24
CA ARG B 806 14.48 -8.83 10.66
C ARG B 806 13.44 -9.34 11.64
N THR B 807 13.54 -8.97 12.91
CA THR B 807 12.75 -9.61 13.94
C THR B 807 11.98 -8.58 14.76
N THR B 808 10.85 -9.02 15.29
CA THR B 808 9.95 -8.13 16.03
C THR B 808 10.58 -7.67 17.34
N SER B 809 11.07 -8.60 18.14
CA SER B 809 11.50 -8.31 19.49
C SER B 809 12.91 -8.81 19.72
N SER B 810 13.68 -8.07 20.52
CA SER B 810 15.05 -8.44 20.80
C SER B 810 15.16 -9.69 21.65
N GLU B 811 14.05 -10.14 22.24
CA GLU B 811 14.07 -11.38 23.01
C GLU B 811 14.47 -12.57 22.15
N PHE B 812 14.32 -12.45 20.83
CA PHE B 812 14.66 -13.53 19.91
C PHE B 812 15.95 -13.24 19.15
N LEU B 813 16.78 -12.33 19.62
CA LEU B 813 17.96 -11.88 18.91
C LEU B 813 19.22 -12.51 19.49
N ARG B 814 19.99 -13.18 18.64
CA ARG B 814 21.29 -13.71 19.00
C ARG B 814 22.25 -13.48 17.85
N MET B 815 23.54 -13.54 18.16
CA MET B 815 24.60 -13.32 17.20
C MET B 815 25.91 -13.77 17.84
N ASN B 816 27.02 -13.63 17.13
CA ASN B 816 28.27 -14.13 17.70
C ASN B 816 29.13 -13.01 18.26
N LEU B 817 29.40 -11.98 17.48
CA LEU B 817 30.23 -10.89 17.93
C LEU B 817 29.39 -9.64 18.16
N ASN B 818 30.03 -8.60 18.66
CA ASN B 818 29.36 -7.31 18.77
C ASN B 818 29.71 -6.46 17.56
N PRO B 819 28.77 -6.24 16.64
CA PRO B 819 29.10 -5.43 15.45
C PRO B 819 29.38 -3.99 15.80
N LEU B 820 28.97 -3.54 16.99
CA LEU B 820 29.23 -2.17 17.40
C LEU B 820 30.52 -2.05 18.17
N ARG B 821 31.22 -3.14 18.42
CA ARG B 821 32.47 -3.15 19.17
C ARG B 821 33.71 -3.33 18.30
N GLU B 822 33.61 -4.15 17.26
CA GLU B 822 34.76 -4.42 16.41
C GLU B 822 34.98 -3.28 15.42
N ARG B 823 35.94 -3.47 14.52
CA ARG B 823 36.09 -2.54 13.41
C ARG B 823 34.90 -2.71 12.48
N HIS B 824 34.29 -1.59 12.09
CA HIS B 824 33.07 -1.61 11.31
C HIS B 824 33.04 -0.41 10.38
N GLU B 825 32.68 -0.65 9.13
CA GLU B 825 32.70 0.40 8.12
C GLU B 825 31.45 1.27 8.22
N ARG B 826 31.66 2.57 8.22
CA ARG B 826 30.58 3.54 8.32
C ARG B 826 30.27 4.07 6.92
N ASP B 827 29.04 3.85 6.47
CA ASP B 827 28.55 4.47 5.24
C ASP B 827 27.51 5.49 5.63
N ASP B 828 27.96 6.69 5.95
CA ASP B 828 27.10 7.70 6.55
C ASP B 828 26.49 8.65 5.53
N VAL B 829 26.73 8.45 4.23
CA VAL B 829 26.27 9.42 3.25
C VAL B 829 24.74 9.36 3.12
N ILE B 830 24.17 8.16 3.06
CA ILE B 830 22.73 8.02 2.98
C ILE B 830 22.08 8.61 4.24
N SER B 831 22.67 8.31 5.40
CA SER B 831 22.12 8.80 6.65
C SER B 831 22.17 10.33 6.69
N GLU B 832 23.25 10.92 6.23
CA GLU B 832 23.34 12.38 6.20
C GLU B 832 22.26 12.96 5.30
N HIS B 833 22.04 12.36 4.13
CA HIS B 833 21.00 12.85 3.24
C HIS B 833 19.61 12.72 3.87
N ILE B 834 19.31 11.57 4.45
CA ILE B 834 18.00 11.35 5.05
C ILE B 834 17.76 12.31 6.20
N LEU B 835 18.80 12.55 6.99
CA LEU B 835 18.65 13.38 8.17
C LEU B 835 18.49 14.85 7.77
N SER B 836 19.20 15.28 6.74
CA SER B 836 18.96 16.61 6.20
C SER B 836 17.56 16.72 5.65
N ALA B 837 17.09 15.67 4.99
CA ALA B 837 15.74 15.61 4.46
C ALA B 837 14.70 15.83 5.55
N LEU B 838 14.84 15.15 6.68
CA LEU B 838 13.94 15.39 7.80
C LEU B 838 13.93 16.86 8.18
N ARG B 839 15.06 17.54 8.02
CA ARG B 839 15.20 18.92 8.45
C ARG B 839 14.75 19.91 7.38
N ASP B 840 13.85 19.51 6.49
CA ASP B 840 13.44 20.31 5.34
C ASP B 840 11.97 20.65 5.50
N PRO B 841 11.58 21.92 5.54
CA PRO B 841 10.18 22.25 5.81
C PRO B 841 9.21 21.77 4.77
N ASN B 842 9.65 21.53 3.55
CA ASN B 842 8.73 21.16 2.50
C ASN B 842 8.45 19.66 2.49
N VAL B 843 9.36 18.86 2.98
CA VAL B 843 9.18 17.42 3.05
C VAL B 843 8.07 17.11 4.05
N VAL B 844 7.31 16.07 3.75
CA VAL B 844 6.23 15.63 4.63
C VAL B 844 6.69 14.40 5.40
N ILE B 845 6.42 14.40 6.70
CA ILE B 845 6.83 13.34 7.61
C ILE B 845 5.60 12.75 8.25
N VAL B 846 5.53 11.43 8.30
CA VAL B 846 4.38 10.73 8.84
C VAL B 846 4.83 9.89 10.02
N TYR B 847 4.21 10.10 11.17
CA TYR B 847 4.53 9.37 12.39
C TYR B 847 3.94 7.97 12.29
C10 A1BXB C . 13.87 1.12 12.72
C13 A1BXB C . 13.56 3.70 13.53
C15 A1BXB C . 11.69 2.97 15.01
C17 A1BXB C . 10.63 2.50 17.10
C20 A1BXB C . 10.75 3.94 14.74
C21 A1BXB C . 8.58 3.76 17.83
C22 A1BXB C . 9.08 4.69 18.93
C24 A1BXB C . 8.61 5.92 21.05
C26 A1BXB C . 8.67 6.50 24.72
C11 A1BXB C . 14.70 2.10 12.21
C12 A1BXB C . 14.55 3.42 12.61
C14 A1BXB C . 12.78 2.67 14.00
C16 A1BXB C . 11.62 2.24 16.19
C18 A1BXB C . 9.69 3.47 16.82
C19 A1BXB C . 9.74 4.19 15.65
C23 A1BXB C . 6.85 4.50 20.02
C25 A1BXB C . 8.85 6.62 23.20
C27 A1BXB C . 9.49 7.71 22.60
N06 A1BXB C . 12.94 1.43 13.59
N07 A1BXB C . 8.19 5.05 20.00
N08 A1BXB C . 8.39 5.70 22.34
N09 A1BXB C . 11.31 8.54 24.65
O03 A1BXB C . 10.18 5.12 18.89
O04 A1BXB C . 10.98 10.10 22.41
O05 A1BXB C . 9.00 9.93 24.22
S01 A1BXB C . 9.44 7.40 20.95
S02 A1BXB C . 10.21 9.11 23.48
#